data_6FNH
#
_entry.id   6FNH
#
_cell.length_a   56.500
_cell.length_b   90.674
_cell.length_c   200.316
_cell.angle_alpha   90.00
_cell.angle_beta   90.00
_cell.angle_gamma   90.00
#
_symmetry.space_group_name_H-M   'P 21 21 21'
#
loop_
_entity.id
_entity.type
_entity.pdbx_description
1 polymer 'Ephrin type-A receptor 2'
2 non-polymer 1-methyl-6-pyridin-3-yl-pyrazolo[3,4-d]pyrimidin-4-amine
3 non-polymer 1,2-ETHANEDIOL
4 water water
#
_entity_poly.entity_id   1
_entity_poly.type   'polypeptide(L)'
_entity_poly.pdbx_seq_one_letter_code
;GDPNQAVLKFTTEIHPSCVTRQKVIGAGEFGEVYKGMLKTSSGKKEVPVAIKTLKAGYTEKQRVDFLGEAGIMGQFSHHN
IIRLEGVISKYKPMMIITEYMENGALDKFLREKDGEFSVLQLVGMLRGIAAGMKYLANMNYVHRDLAARNILVNSNLVCK
VSDFGLSRVLEDDPEATYTTSGGKIPIRWTAPEAISYRKFTSASDVWSFGIVMWEVMTYGERPYWELSNHEVMKAINDGF
RLPTPMDCPSAIYQLMMQCWQQERARRPKFADIVSILDKLIRAPDSLKTLADFDPRVSIRLPSTSG
;
_entity_poly.pdbx_strand_id   A,B,C
#
loop_
_chem_comp.id
_chem_comp.type
_chem_comp.name
_chem_comp.formula
DXK non-polymer 1-methyl-6-pyridin-3-yl-pyrazolo[3,4-d]pyrimidin-4-amine 'C11 H10 N6'
EDO non-polymer 1,2-ETHANEDIOL 'C2 H6 O2'
#
# COMPACT_ATOMS: atom_id res chain seq x y z
N LEU A 8 -4.41 9.93 -18.62
CA LEU A 8 -3.66 11.16 -18.47
C LEU A 8 -4.08 11.97 -17.24
N LYS A 9 -4.78 11.33 -16.32
CA LYS A 9 -5.16 11.97 -15.07
C LYS A 9 -3.92 12.04 -14.17
N PHE A 10 -2.89 11.27 -14.53
CA PHE A 10 -1.65 11.22 -13.78
C PHE A 10 -0.57 12.12 -14.38
N THR A 11 -0.93 13.03 -15.29
CA THR A 11 0.06 13.81 -16.04
C THR A 11 -0.38 15.26 -16.12
N THR A 12 0.61 16.16 -16.00
CA THR A 12 0.40 17.58 -16.21
C THR A 12 0.44 17.88 -17.70
N GLU A 13 -0.56 18.62 -18.21
CA GLU A 13 -0.58 18.97 -19.62
C GLU A 13 0.20 20.27 -19.81
N ILE A 14 1.16 20.25 -20.75
CA ILE A 14 2.08 21.36 -20.95
C ILE A 14 1.76 22.03 -22.28
N HIS A 15 1.78 23.38 -22.30
CA HIS A 15 1.52 24.04 -23.58
C HIS A 15 2.81 24.05 -24.41
N PRO A 16 2.72 23.76 -25.72
CA PRO A 16 3.95 23.65 -26.52
C PRO A 16 4.82 24.89 -26.51
N SER A 17 4.27 26.08 -26.26
CA SER A 17 5.11 27.27 -26.23
C SER A 17 6.05 27.28 -25.03
N CYS A 18 5.85 26.39 -24.05
CA CYS A 18 6.73 26.34 -22.89
C CYS A 18 7.95 25.46 -23.12
N VAL A 19 8.01 24.73 -24.25
CA VAL A 19 9.06 23.76 -24.53
C VAL A 19 9.92 24.29 -25.66
N THR A 20 11.23 24.14 -25.52
CA THR A 20 12.16 24.49 -26.59
C THR A 20 13.00 23.25 -26.88
N ARG A 21 12.88 22.71 -28.09
CA ARG A 21 13.73 21.61 -28.51
C ARG A 21 15.07 22.18 -29.00
N GLN A 22 16.17 21.61 -28.52
CA GLN A 22 17.49 22.20 -28.81
C GLN A 22 18.42 21.35 -29.67
N LYS A 23 18.31 20.04 -29.51
CA LYS A 23 19.18 19.16 -30.23
C LYS A 23 18.62 17.79 -30.10
N VAL A 24 18.91 16.99 -31.11
CA VAL A 24 18.43 15.61 -31.18
C VAL A 24 19.43 14.75 -30.41
N ILE A 25 18.93 13.92 -29.51
CA ILE A 25 19.80 13.05 -28.72
C ILE A 25 19.53 11.57 -28.94
N GLY A 26 18.50 11.20 -29.69
CA GLY A 26 18.32 9.80 -29.93
C GLY A 26 17.06 9.54 -30.72
N ALA A 27 16.87 8.26 -31.01
CA ALA A 27 15.68 7.78 -31.70
C ALA A 27 14.98 6.85 -30.73
N GLY A 28 13.71 7.13 -30.47
CA GLY A 28 12.92 6.30 -29.60
C GLY A 28 12.00 5.39 -30.39
N GLU A 29 11.23 4.62 -29.65
CA GLU A 29 10.28 3.71 -30.25
C GLU A 29 9.25 4.47 -31.10
N PHE A 30 8.84 5.64 -30.63
CA PHE A 30 7.75 6.39 -31.25
C PHE A 30 8.19 7.60 -32.05
N GLY A 31 9.49 7.92 -32.06
CA GLY A 31 9.95 9.10 -32.76
C GLY A 31 11.26 9.60 -32.16
N GLU A 32 11.62 10.82 -32.55
CA GLU A 32 12.92 11.28 -32.09
C GLU A 32 12.84 11.85 -30.67
N VAL A 33 13.99 11.84 -30.01
CA VAL A 33 14.12 12.33 -28.64
C VAL A 33 15.11 13.49 -28.65
N TYR A 34 14.75 14.56 -27.94
CA TYR A 34 15.55 15.77 -27.92
C TYR A 34 15.96 16.12 -26.51
N LYS A 35 17.03 16.89 -26.41
CA LYS A 35 17.31 17.67 -25.21
C LYS A 35 16.72 19.06 -25.43
N GLY A 36 16.15 19.62 -24.38
CA GLY A 36 15.59 20.93 -24.49
C GLY A 36 15.39 21.60 -23.15
N MET A 37 14.56 22.64 -23.14
CA MET A 37 14.30 23.41 -21.94
C MET A 37 12.79 23.54 -21.77
N LEU A 38 12.35 23.62 -20.51
CA LEU A 38 10.95 23.74 -20.17
C LEU A 38 10.73 24.94 -19.26
N LYS A 39 9.78 25.79 -19.61
CA LYS A 39 9.40 26.89 -18.74
C LYS A 39 8.21 26.40 -17.91
N THR A 40 8.34 26.44 -16.59
CA THR A 40 7.24 26.03 -15.74
C THR A 40 6.67 27.21 -14.98
N SER A 41 5.60 27.00 -14.25
CA SER A 41 5.00 28.08 -13.46
C SER A 41 5.95 28.53 -12.37
N GLY A 43 7.01 32.43 -14.27
CA GLY A 43 8.19 33.28 -14.30
C GLY A 43 9.28 32.75 -13.39
N LYS A 44 9.99 31.74 -13.87
CA LYS A 44 11.06 31.11 -13.10
C LYS A 44 12.11 30.52 -14.02
N LYS A 45 13.26 30.16 -13.47
CA LYS A 45 14.34 29.58 -14.25
C LYS A 45 13.83 28.41 -15.08
N GLU A 46 14.13 28.45 -16.38
CA GLU A 46 13.85 27.31 -17.25
C GLU A 46 14.72 26.13 -16.87
N VAL A 47 14.16 24.93 -16.99
CA VAL A 47 14.85 23.72 -16.54
C VAL A 47 15.13 22.78 -17.71
N PRO A 48 16.29 22.11 -17.70
CA PRO A 48 16.62 21.18 -18.79
C PRO A 48 15.71 19.97 -18.74
N VAL A 49 15.31 19.49 -19.93
CA VAL A 49 14.43 18.33 -20.04
C VAL A 49 14.82 17.47 -21.22
N ALA A 50 14.36 16.22 -21.18
CA ALA A 50 14.36 15.36 -22.35
C ALA A 50 12.94 15.37 -22.90
N ILE A 51 12.84 15.35 -24.23
CA ILE A 51 11.58 15.54 -24.94
C ILE A 51 11.45 14.40 -25.91
N LYS A 52 10.48 13.50 -25.68
CA LYS A 52 10.21 12.40 -26.59
C LYS A 52 9.02 12.81 -27.44
N THR A 53 9.16 12.71 -28.75
CA THR A 53 8.07 13.10 -29.63
C THR A 53 7.45 11.89 -30.31
N LEU A 54 6.17 12.01 -30.67
CA LEU A 54 5.46 10.98 -31.43
C LEU A 54 5.54 11.37 -32.91
N LYS A 55 6.19 10.52 -33.71
CA LYS A 55 6.35 10.82 -35.12
C LYS A 55 4.99 11.12 -35.78
N ALA A 56 4.97 12.09 -36.68
CA ALA A 56 3.77 12.34 -37.46
C ALA A 56 3.47 11.10 -38.31
N GLY A 57 2.20 10.84 -38.51
CA GLY A 57 1.83 9.62 -39.21
C GLY A 57 1.87 8.40 -38.33
N TYR A 58 1.69 8.59 -37.03
CA TYR A 58 1.58 7.49 -36.09
C TYR A 58 0.26 6.76 -36.30
N THR A 59 0.24 5.48 -35.91
CA THR A 59 -1.02 4.75 -35.90
C THR A 59 -1.78 5.08 -34.63
N GLU A 60 -3.03 4.62 -34.56
CA GLU A 60 -3.77 4.87 -33.32
C GLU A 60 -3.28 3.98 -32.18
N LYS A 61 -2.74 2.79 -32.49
CA LYS A 61 -2.15 2.01 -31.42
C LYS A 61 -0.89 2.66 -30.90
N GLN A 62 -0.07 3.22 -31.80
CA GLN A 62 1.14 3.92 -31.37
C GLN A 62 0.81 5.09 -30.47
N ARG A 63 -0.26 5.82 -30.79
CA ARG A 63 -0.67 6.96 -29.98
C ARG A 63 -1.07 6.52 -28.58
N VAL A 64 -1.82 5.41 -28.48
CA VAL A 64 -2.26 4.91 -27.19
C VAL A 64 -1.07 4.41 -26.36
N ASP A 65 -0.18 3.65 -27.00
CA ASP A 65 1.00 3.16 -26.31
C ASP A 65 1.91 4.30 -25.87
N PHE A 66 2.05 5.32 -26.72
CA PHE A 66 2.87 6.48 -26.40
C PHE A 66 2.34 7.18 -25.14
N LEU A 67 1.07 7.57 -25.16
CA LEU A 67 0.50 8.26 -24.01
C LEU A 67 0.35 7.35 -22.81
N GLY A 68 0.17 6.05 -23.03
CA GLY A 68 0.06 5.13 -21.91
C GLY A 68 1.34 5.05 -21.11
N GLU A 69 2.48 5.18 -21.78
CA GLU A 69 3.76 5.20 -21.10
C GLU A 69 3.87 6.39 -20.17
N ALA A 70 3.38 7.54 -20.60
CA ALA A 70 3.37 8.68 -19.70
C ALA A 70 2.43 8.46 -18.53
N GLY A 71 1.28 7.80 -18.78
CA GLY A 71 0.36 7.51 -17.69
C GLY A 71 0.98 6.64 -16.61
N ILE A 72 1.81 5.68 -17.03
N ILE A 72 1.83 5.69 -17.02
CA ILE A 72 2.51 4.83 -16.07
CA ILE A 72 2.50 4.85 -16.04
C ILE A 72 3.56 5.63 -15.30
C ILE A 72 3.57 5.63 -15.30
N MET A 73 4.38 6.41 -16.03
CA MET A 73 5.43 7.18 -15.38
C MET A 73 4.89 8.16 -14.37
N GLY A 74 3.73 8.76 -14.67
CA GLY A 74 3.13 9.72 -13.75
C GLY A 74 2.62 9.11 -12.47
N GLN A 75 2.49 7.78 -12.40
CA GLN A 75 2.06 7.15 -11.17
C GLN A 75 3.18 6.98 -10.16
N PHE A 76 4.43 7.25 -10.55
CA PHE A 76 5.59 7.06 -9.69
C PHE A 76 6.17 8.39 -9.23
N SER A 77 6.66 8.38 -8.01
CA SER A 77 7.32 9.55 -7.41
C SER A 77 8.46 9.06 -6.52
N HIS A 78 9.64 8.89 -7.11
CA HIS A 78 10.78 8.37 -6.35
C HIS A 78 12.05 8.94 -6.96
N HIS A 79 13.03 9.20 -6.08
CA HIS A 79 14.32 9.78 -6.51
C HIS A 79 15.00 8.96 -7.60
N ASN A 80 14.85 7.64 -7.59
CA ASN A 80 15.55 6.78 -8.55
C ASN A 80 14.63 6.25 -9.65
N ILE A 81 13.51 6.94 -9.90
CA ILE A 81 12.62 6.65 -11.02
C ILE A 81 12.49 7.94 -11.82
N ILE A 82 12.69 7.84 -13.14
CA ILE A 82 12.70 9.05 -13.98
C ILE A 82 11.45 9.89 -13.73
N ARG A 83 11.63 11.20 -13.54
CA ARG A 83 10.53 12.10 -13.22
C ARG A 83 9.86 12.61 -14.49
N LEU A 84 8.53 12.47 -14.55
CA LEU A 84 7.77 13.01 -15.67
C LEU A 84 7.42 14.47 -15.38
N GLU A 85 7.82 15.38 -16.27
CA GLU A 85 7.42 16.77 -16.13
C GLU A 85 6.00 16.98 -16.64
N GLY A 86 5.65 16.33 -17.74
CA GLY A 86 4.32 16.44 -18.26
C GLY A 86 4.25 15.94 -19.68
N VAL A 87 3.09 16.14 -20.30
CA VAL A 87 2.86 15.67 -21.65
C VAL A 87 2.24 16.80 -22.47
N ILE A 88 2.40 16.69 -23.77
CA ILE A 88 1.66 17.51 -24.71
C ILE A 88 0.81 16.51 -25.48
N SER A 89 -0.50 16.54 -25.23
CA SER A 89 -1.43 15.65 -25.90
C SER A 89 -2.42 16.37 -26.77
N LYS A 90 -2.63 17.66 -26.55
CA LYS A 90 -3.64 18.46 -27.24
C LYS A 90 -3.11 19.16 -28.48
N TYR A 91 -1.80 19.07 -28.75
CA TYR A 91 -1.18 19.71 -29.90
C TYR A 91 -0.28 18.69 -30.58
N LYS A 92 0.20 19.04 -31.77
CA LYS A 92 1.07 18.14 -32.49
C LYS A 92 2.40 18.80 -32.81
N PRO A 93 3.50 18.03 -32.68
CA PRO A 93 3.54 16.61 -32.29
C PRO A 93 3.32 16.43 -30.79
N MET A 94 2.78 15.27 -30.42
CA MET A 94 2.62 14.97 -29.01
C MET A 94 3.98 14.65 -28.40
N MET A 95 4.12 14.96 -27.13
CA MET A 95 5.41 14.86 -26.47
C MET A 95 5.27 14.31 -25.06
N ILE A 96 6.31 13.59 -24.63
CA ILE A 96 6.49 13.21 -23.24
C ILE A 96 7.74 13.94 -22.77
N ILE A 97 7.61 14.70 -21.68
CA ILE A 97 8.69 15.56 -21.20
C ILE A 97 9.15 15.04 -19.85
N THR A 98 10.45 14.73 -19.73
CA THR A 98 10.98 14.20 -18.48
C THR A 98 12.17 15.05 -18.04
N GLU A 99 12.65 14.78 -16.84
CA GLU A 99 13.90 15.38 -16.39
C GLU A 99 15.02 14.92 -17.30
N TYR A 100 16.05 15.75 -17.45
CA TYR A 100 17.14 15.46 -18.35
C TYR A 100 18.24 14.73 -17.60
N MET A 101 18.76 13.65 -18.21
CA MET A 101 19.78 12.80 -17.62
C MET A 101 21.02 12.91 -18.48
N GLU A 102 21.91 13.83 -18.09
CA GLU A 102 23.00 14.28 -18.98
C GLU A 102 23.91 13.14 -19.43
N ASN A 103 24.10 12.12 -18.59
CA ASN A 103 25.06 11.07 -18.90
C ASN A 103 24.45 9.88 -19.66
N GLY A 104 23.14 9.95 -19.95
CA GLY A 104 22.52 8.95 -20.81
C GLY A 104 22.41 7.55 -20.20
N ALA A 105 22.31 6.58 -21.10
CA ALA A 105 22.10 5.20 -20.66
C ALA A 105 23.32 4.67 -19.91
N LEU A 106 23.06 3.94 -18.82
CA LEU A 106 24.10 3.49 -17.92
C LEU A 106 25.10 2.58 -18.62
N ASP A 107 24.64 1.65 -19.46
CA ASP A 107 25.58 0.72 -20.07
C ASP A 107 26.54 1.45 -21.00
N LYS A 108 26.02 2.36 -21.83
CA LYS A 108 26.86 3.14 -22.72
C LYS A 108 27.80 4.06 -21.94
N PHE A 109 27.29 4.66 -20.86
CA PHE A 109 28.10 5.56 -20.04
C PHE A 109 29.29 4.82 -19.43
N LEU A 110 29.05 3.64 -18.85
CA LEU A 110 30.16 2.95 -18.22
C LEU A 110 31.16 2.45 -19.24
N ARG A 111 30.69 2.06 -20.42
CA ARG A 111 31.64 1.62 -21.46
C ARG A 111 32.58 2.75 -21.85
N GLU A 112 32.06 3.97 -21.87
CA GLU A 112 32.92 5.11 -22.23
C GLU A 112 33.85 5.49 -21.09
N LYS A 113 33.48 5.18 -19.85
CA LYS A 113 34.26 5.49 -18.66
C LYS A 113 34.94 4.26 -18.05
N ASP A 114 35.35 3.30 -18.88
CA ASP A 114 35.91 2.03 -18.39
C ASP A 114 37.04 2.29 -17.40
N GLY A 115 36.88 1.77 -16.19
CA GLY A 115 37.88 1.90 -15.14
C GLY A 115 37.99 3.28 -14.49
N GLU A 116 37.05 4.18 -14.77
CA GLU A 116 37.15 5.57 -14.33
C GLU A 116 36.35 5.88 -13.06
N PHE A 117 35.75 4.88 -12.43
CA PHE A 117 35.03 5.09 -11.18
C PHE A 117 35.62 4.26 -10.05
N SER A 118 35.46 4.76 -8.82
CA SER A 118 35.82 3.93 -7.67
C SER A 118 34.75 2.86 -7.49
N VAL A 119 35.15 1.77 -6.81
CA VAL A 119 34.18 0.71 -6.54
C VAL A 119 33.05 1.24 -5.68
N LEU A 120 33.37 2.10 -4.70
CA LEU A 120 32.33 2.69 -3.86
C LEU A 120 31.33 3.46 -4.70
N GLN A 121 31.80 4.23 -5.70
CA GLN A 121 30.89 4.96 -6.56
C GLN A 121 29.97 4.01 -7.34
N LEU A 122 30.54 2.93 -7.89
CA LEU A 122 29.74 1.96 -8.63
C LEU A 122 28.71 1.31 -7.73
N VAL A 123 29.09 0.97 -6.50
CA VAL A 123 28.13 0.36 -5.58
C VAL A 123 27.04 1.36 -5.20
N GLY A 124 27.36 2.65 -5.11
CA GLY A 124 26.33 3.64 -4.85
C GLY A 124 25.34 3.74 -6.01
N MET A 125 25.82 3.53 -7.24
CA MET A 125 24.94 3.52 -8.39
C MET A 125 23.98 2.34 -8.30
N LEU A 126 24.51 1.19 -7.92
CA LEU A 126 23.68 0.00 -7.75
C LEU A 126 22.67 0.19 -6.62
N ARG A 127 23.08 0.88 -5.55
CA ARG A 127 22.15 1.12 -4.46
C ARG A 127 20.98 1.98 -4.91
N GLY A 128 21.26 3.00 -5.72
CA GLY A 128 20.17 3.84 -6.21
C GLY A 128 19.21 3.05 -7.09
N ILE A 129 19.75 2.21 -7.98
CA ILE A 129 18.90 1.38 -8.82
C ILE A 129 18.03 0.47 -7.96
N ALA A 130 18.64 -0.15 -6.95
CA ALA A 130 17.91 -1.05 -6.06
C ALA A 130 16.83 -0.31 -5.29
N ALA A 131 17.11 0.94 -4.89
CA ALA A 131 16.08 1.73 -4.19
C ALA A 131 14.91 2.04 -5.09
N GLY A 132 15.17 2.36 -6.36
CA GLY A 132 14.08 2.55 -7.30
C GLY A 132 13.26 1.28 -7.49
N MET A 133 13.94 0.14 -7.58
CA MET A 133 13.23 -1.13 -7.74
C MET A 133 12.47 -1.50 -6.47
N LYS A 134 13.03 -1.18 -5.30
CA LYS A 134 12.31 -1.43 -4.05
C LYS A 134 11.00 -0.65 -4.03
N TYR A 135 11.06 0.59 -4.51
CA TYR A 135 9.86 1.43 -4.58
C TYR A 135 8.83 0.83 -5.54
N LEU A 136 9.28 0.41 -6.72
CA LEU A 136 8.37 -0.18 -7.69
C LEU A 136 7.75 -1.46 -7.15
N ALA A 137 8.57 -2.31 -6.54
CA ALA A 137 8.05 -3.57 -6.02
C ALA A 137 7.00 -3.32 -4.94
N ASN A 138 7.22 -2.28 -4.12
CA ASN A 138 6.27 -1.98 -3.04
C ASN A 138 4.94 -1.51 -3.58
N MET A 139 4.94 -0.95 -4.79
N MET A 139 4.89 -0.92 -4.77
CA MET A 139 3.73 -0.52 -5.50
CA MET A 139 3.58 -0.62 -5.34
C MET A 139 3.17 -1.62 -6.39
C MET A 139 3.14 -1.64 -6.37
N ASN A 140 3.69 -2.86 -6.27
CA ASN A 140 3.23 -3.99 -7.06
C ASN A 140 3.41 -3.76 -8.55
N TYR A 141 4.47 -3.05 -8.94
CA TYR A 141 4.79 -2.87 -10.34
C TYR A 141 5.96 -3.78 -10.67
N VAL A 142 5.75 -4.70 -11.61
CA VAL A 142 6.78 -5.62 -12.07
C VAL A 142 7.32 -5.04 -13.36
N HIS A 143 8.61 -4.73 -13.38
CA HIS A 143 9.15 -4.00 -14.52
C HIS A 143 9.23 -4.86 -15.78
N ARG A 144 9.80 -6.06 -15.66
CA ARG A 144 9.95 -7.07 -16.70
C ARG A 144 11.08 -6.79 -17.66
N ASP A 145 11.64 -5.58 -17.68
CA ASP A 145 12.64 -5.20 -18.68
C ASP A 145 13.79 -4.44 -18.03
N LEU A 146 14.18 -4.83 -16.81
CA LEU A 146 15.27 -4.18 -16.10
C LEU A 146 16.61 -4.58 -16.71
N ALA A 147 17.40 -3.59 -17.13
CA ALA A 147 18.70 -3.79 -17.78
C ALA A 147 19.38 -2.44 -17.74
N ALA A 148 20.73 -2.46 -17.84
CA ALA A 148 21.44 -1.18 -17.74
C ALA A 148 21.07 -0.22 -18.87
N ARG A 149 20.68 -0.75 -20.03
CA ARG A 149 20.26 0.13 -21.13
C ARG A 149 18.98 0.91 -20.80
N ASN A 150 18.23 0.49 -19.79
CA ASN A 150 17.01 1.15 -19.37
C ASN A 150 17.18 1.99 -18.12
N ILE A 151 18.42 2.18 -17.67
N ILE A 151 18.41 2.22 -17.68
CA ILE A 151 18.76 3.05 -16.55
CA ILE A 151 18.71 3.07 -16.54
C ILE A 151 19.43 4.29 -17.14
C ILE A 151 19.48 4.28 -17.06
N LEU A 152 19.01 5.46 -16.71
CA LEU A 152 19.68 6.70 -17.13
C LEU A 152 20.47 7.30 -15.97
N VAL A 153 21.50 8.09 -16.31
CA VAL A 153 22.40 8.63 -15.32
C VAL A 153 22.46 10.15 -15.49
N ASN A 154 22.32 10.90 -14.39
CA ASN A 154 22.39 12.36 -14.51
C ASN A 154 23.80 12.85 -14.21
N SER A 155 23.99 14.19 -14.24
CA SER A 155 25.31 14.76 -14.04
C SER A 155 25.85 14.51 -12.63
N ASN A 156 24.97 14.27 -11.66
CA ASN A 156 25.40 13.94 -10.31
C ASN A 156 25.55 12.44 -10.08
N LEU A 157 25.53 11.65 -11.15
CA LEU A 157 25.72 10.20 -11.08
C LEU A 157 24.53 9.48 -10.46
N VAL A 158 23.38 10.14 -10.35
CA VAL A 158 22.18 9.46 -9.85
C VAL A 158 21.64 8.58 -10.98
N CYS A 159 21.40 7.31 -10.67
CA CYS A 159 20.87 6.36 -11.63
C CYS A 159 19.38 6.21 -11.42
N LYS A 160 18.61 6.23 -12.50
CA LYS A 160 17.14 6.18 -12.39
C LYS A 160 16.58 5.18 -13.38
N VAL A 161 15.63 4.36 -12.93
CA VAL A 161 14.94 3.46 -13.84
C VAL A 161 14.06 4.30 -14.76
N SER A 162 14.16 4.06 -16.08
CA SER A 162 13.68 5.09 -17.00
C SER A 162 12.78 4.68 -18.15
N ASP A 163 12.66 3.39 -18.47
CA ASP A 163 11.89 2.92 -19.62
C ASP A 163 10.69 2.10 -19.13
N PHE A 164 9.50 2.64 -19.35
CA PHE A 164 8.25 2.03 -18.92
C PHE A 164 7.33 1.73 -20.10
N GLY A 165 7.91 1.37 -21.25
CA GLY A 165 7.11 1.21 -22.44
C GLY A 165 6.17 0.03 -22.35
N LEU A 166 5.01 0.19 -22.99
CA LEU A 166 3.93 -0.79 -22.91
C LEU A 166 4.08 -1.90 -23.92
N SER A 167 4.48 -1.56 -25.15
CA SER A 167 4.62 -2.52 -26.24
C SER A 167 5.91 -3.31 -26.03
N ARG A 168 5.81 -4.34 -25.18
CA ARG A 168 6.95 -5.18 -24.83
C ARG A 168 6.53 -6.64 -24.89
N VAL A 169 7.22 -7.42 -25.73
CA VAL A 169 7.06 -8.87 -25.75
C VAL A 169 8.42 -9.52 -25.55
N LEU A 170 8.40 -10.74 -25.01
CA LEU A 170 9.65 -11.45 -24.75
C LEU A 170 10.29 -11.90 -26.06
N GLU A 171 11.61 -11.79 -26.11
CA GLU A 171 12.37 -12.14 -27.31
C GLU A 171 12.22 -13.59 -27.75
N ASP A 172 12.40 -13.81 -29.04
CA ASP A 172 12.31 -15.15 -29.66
C ASP A 172 10.92 -15.76 -29.59
N GLY A 183 11.01 -3.18 -28.88
CA GLY A 183 10.06 -3.61 -27.88
C GLY A 183 10.28 -5.03 -27.38
N LYS A 184 11.45 -5.59 -27.68
CA LYS A 184 11.79 -6.95 -27.27
C LYS A 184 12.39 -6.93 -25.87
N ILE A 185 11.95 -7.88 -25.04
CA ILE A 185 12.59 -8.16 -23.76
C ILE A 185 13.62 -9.25 -24.00
N PRO A 186 14.91 -8.96 -23.86
CA PRO A 186 15.93 -9.96 -24.22
C PRO A 186 16.10 -11.04 -23.15
N ILE A 187 16.33 -12.26 -23.64
CA ILE A 187 16.45 -13.42 -22.77
C ILE A 187 17.55 -13.26 -21.73
N ARG A 188 18.67 -12.65 -22.12
CA ARG A 188 19.88 -12.60 -21.28
C ARG A 188 19.66 -11.90 -19.93
N TRP A 189 18.60 -11.10 -19.80
CA TRP A 189 18.31 -10.41 -18.56
C TRP A 189 17.14 -11.02 -17.80
N THR A 190 16.51 -12.07 -18.35
CA THR A 190 15.23 -12.56 -17.84
C THR A 190 15.39 -13.83 -17.00
N ALA A 191 14.66 -13.88 -15.88
CA ALA A 191 14.74 -15.05 -15.01
C ALA A 191 14.23 -16.29 -15.73
N PRO A 192 14.78 -17.45 -15.38
CA PRO A 192 14.38 -18.70 -16.07
C PRO A 192 12.89 -18.98 -16.01
N GLU A 193 12.27 -18.76 -14.85
CA GLU A 193 10.83 -19.03 -14.72
C GLU A 193 9.99 -18.06 -15.53
N ALA A 194 10.52 -16.84 -15.77
CA ALA A 194 9.78 -15.94 -16.64
C ALA A 194 9.92 -16.34 -18.10
N ILE A 195 11.06 -16.90 -18.49
CA ILE A 195 11.22 -17.37 -19.87
C ILE A 195 10.38 -18.62 -20.10
N SER A 196 10.51 -19.59 -19.18
CA SER A 196 9.89 -20.90 -19.38
C SER A 196 8.39 -20.86 -19.18
N TYR A 197 7.94 -20.22 -18.10
CA TYR A 197 6.53 -20.27 -17.71
C TYR A 197 5.86 -18.90 -17.66
N ARG A 198 6.54 -17.86 -18.13
CA ARG A 198 5.98 -16.50 -18.15
C ARG A 198 5.58 -16.00 -16.77
N LYS A 199 6.28 -16.47 -15.73
CA LYS A 199 6.04 -16.00 -14.37
C LYS A 199 6.93 -14.79 -14.15
N PHE A 200 6.40 -13.60 -14.44
CA PHE A 200 7.09 -12.32 -14.23
C PHE A 200 6.61 -11.76 -12.90
N THR A 201 7.53 -11.63 -11.95
CA THR A 201 7.22 -11.14 -10.62
C THR A 201 8.35 -10.21 -10.19
N SER A 202 8.23 -9.64 -8.98
CA SER A 202 9.36 -8.86 -8.47
C SER A 202 10.61 -9.74 -8.31
N ALA A 203 10.44 -11.03 -8.03
CA ALA A 203 11.62 -11.89 -7.93
C ALA A 203 12.27 -12.13 -9.28
N SER A 204 11.52 -12.09 -10.37
CA SER A 204 12.21 -12.14 -11.65
C SER A 204 12.90 -10.82 -11.95
N ASP A 205 12.37 -9.71 -11.43
CA ASP A 205 13.09 -8.45 -11.58
C ASP A 205 14.39 -8.49 -10.78
N VAL A 206 14.39 -9.19 -9.65
CA VAL A 206 15.61 -9.32 -8.85
C VAL A 206 16.68 -10.07 -9.63
N TRP A 207 16.31 -11.12 -10.38
CA TRP A 207 17.26 -11.79 -11.25
C TRP A 207 17.86 -10.78 -12.23
N SER A 208 17.01 -9.98 -12.86
CA SER A 208 17.47 -8.98 -13.81
C SER A 208 18.42 -7.99 -13.14
N PHE A 209 18.11 -7.62 -11.89
CA PHE A 209 19.00 -6.72 -11.16
C PHE A 209 20.38 -7.34 -10.97
N GLY A 210 20.45 -8.65 -10.75
CA GLY A 210 21.76 -9.28 -10.67
C GLY A 210 22.53 -9.12 -11.97
N ILE A 211 21.83 -9.24 -13.10
CA ILE A 211 22.51 -9.02 -14.37
C ILE A 211 22.99 -7.58 -14.47
N VAL A 212 22.17 -6.62 -14.01
CA VAL A 212 22.59 -5.21 -14.03
C VAL A 212 23.83 -5.02 -13.17
N MET A 213 23.86 -5.65 -11.99
CA MET A 213 25.05 -5.56 -11.15
C MET A 213 26.29 -6.03 -11.91
N TRP A 214 26.16 -7.10 -12.68
CA TRP A 214 27.28 -7.60 -13.46
C TRP A 214 27.65 -6.61 -14.57
N GLU A 215 26.64 -6.01 -15.22
CA GLU A 215 26.91 -5.00 -16.24
C GLU A 215 27.67 -3.82 -15.64
N VAL A 216 27.28 -3.38 -14.44
CA VAL A 216 27.97 -2.25 -13.82
C VAL A 216 29.40 -2.62 -13.46
N MET A 217 29.60 -3.79 -12.84
CA MET A 217 30.92 -4.16 -12.35
C MET A 217 31.89 -4.49 -13.47
N THR A 218 31.40 -4.77 -14.68
CA THR A 218 32.24 -5.01 -15.85
C THR A 218 32.37 -3.77 -16.73
N TYR A 219 31.80 -2.63 -16.32
CA TYR A 219 31.78 -1.44 -17.15
C TYR A 219 31.09 -1.68 -18.50
N GLY A 220 29.96 -2.37 -18.46
CA GLY A 220 29.12 -2.47 -19.64
C GLY A 220 29.45 -3.61 -20.58
N GLU A 221 30.03 -4.69 -20.10
CA GLU A 221 30.21 -5.85 -20.95
C GLU A 221 28.83 -6.47 -21.22
N ARG A 222 28.75 -7.18 -22.35
CA ARG A 222 27.51 -7.84 -22.75
C ARG A 222 27.36 -9.15 -21.97
N PRO A 223 26.26 -9.34 -21.25
CA PRO A 223 26.09 -10.58 -20.49
C PRO A 223 26.13 -11.79 -21.41
N TYR A 224 26.89 -12.80 -21.00
CA TYR A 224 27.06 -14.05 -21.74
C TYR A 224 27.79 -13.86 -23.06
N TRP A 225 28.42 -12.70 -23.24
CA TRP A 225 29.15 -12.36 -24.46
C TRP A 225 28.35 -12.65 -25.72
N GLU A 226 28.94 -13.34 -26.69
CA GLU A 226 28.23 -13.63 -27.93
C GLU A 226 27.84 -15.10 -28.03
N LEU A 227 27.71 -15.76 -26.89
CA LEU A 227 26.98 -17.02 -26.79
C LEU A 227 25.55 -16.79 -27.25
N SER A 228 24.95 -17.80 -27.88
CA SER A 228 23.63 -17.62 -28.47
C SER A 228 22.54 -17.80 -27.42
N ASN A 229 21.35 -17.26 -27.74
CA ASN A 229 20.21 -17.33 -26.83
C ASN A 229 19.91 -18.75 -26.37
N HIS A 230 19.85 -19.69 -27.31
CA HIS A 230 19.58 -21.08 -26.94
C HIS A 230 20.66 -21.62 -26.02
N GLU A 231 21.91 -21.29 -26.30
CA GLU A 231 23.01 -21.74 -25.43
C GLU A 231 22.91 -21.09 -24.05
N VAL A 232 22.45 -19.83 -24.00
CA VAL A 232 22.28 -19.16 -22.72
C VAL A 232 21.27 -19.89 -21.84
N MET A 233 20.09 -20.18 -22.38
CA MET A 233 19.06 -20.84 -21.56
C MET A 233 19.45 -22.25 -21.18
N LYS A 234 20.18 -22.94 -22.06
CA LYS A 234 20.73 -24.24 -21.71
C LYS A 234 21.76 -24.13 -20.58
N ALA A 235 22.74 -23.24 -20.74
CA ALA A 235 23.76 -23.07 -19.71
C ALA A 235 23.12 -22.71 -18.37
N ILE A 236 22.19 -21.75 -18.38
CA ILE A 236 21.58 -21.29 -17.14
C ILE A 236 20.82 -22.41 -16.45
N ASN A 237 19.97 -23.11 -17.20
CA ASN A 237 19.22 -24.19 -16.59
C ASN A 237 20.08 -25.39 -16.22
N ASP A 238 21.34 -25.44 -16.67
CA ASP A 238 22.34 -26.38 -16.19
C ASP A 238 23.14 -25.88 -15.00
N GLY A 239 22.91 -24.66 -14.54
CA GLY A 239 23.58 -24.12 -13.38
C GLY A 239 24.70 -23.14 -13.67
N PHE A 240 24.93 -22.82 -14.93
CA PHE A 240 25.98 -21.85 -15.26
C PHE A 240 25.55 -20.45 -14.83
N ARG A 241 26.52 -19.69 -14.33
CA ARG A 241 26.28 -18.30 -13.95
C ARG A 241 27.45 -17.47 -14.44
N LEU A 242 27.18 -16.19 -14.70
CA LEU A 242 28.25 -15.31 -15.15
C LEU A 242 29.38 -15.30 -14.13
N PRO A 243 30.63 -15.22 -14.58
CA PRO A 243 31.77 -15.27 -13.66
C PRO A 243 32.03 -13.94 -12.97
N THR A 244 32.86 -14.00 -11.93
CA THR A 244 33.16 -12.79 -11.17
C THR A 244 33.92 -11.80 -12.05
N PRO A 245 33.49 -10.54 -12.13
CA PRO A 245 34.29 -9.56 -12.86
C PRO A 245 35.60 -9.29 -12.14
N MET A 246 36.61 -8.88 -12.91
CA MET A 246 37.88 -8.51 -12.30
C MET A 246 37.69 -7.36 -11.32
N ASP A 247 38.33 -7.46 -10.15
CA ASP A 247 38.25 -6.45 -9.10
C ASP A 247 36.90 -6.38 -8.41
N CYS A 248 35.99 -7.29 -8.67
CA CYS A 248 34.67 -7.21 -8.07
C CYS A 248 34.72 -7.68 -6.62
N PRO A 249 34.21 -6.90 -5.66
CA PRO A 249 34.21 -7.34 -4.27
C PRO A 249 33.47 -8.66 -4.13
N SER A 250 34.00 -9.52 -3.24
CA SER A 250 33.38 -10.82 -3.03
C SER A 250 31.92 -10.72 -2.60
N ALA A 251 31.61 -9.79 -1.68
CA ALA A 251 30.22 -9.66 -1.23
C ALA A 251 29.32 -9.23 -2.37
N ILE A 252 29.84 -8.42 -3.29
CA ILE A 252 29.02 -7.98 -4.42
C ILE A 252 28.76 -9.13 -5.38
N TYR A 253 29.78 -9.94 -5.66
CA TYR A 253 29.55 -11.08 -6.54
C TYR A 253 28.64 -12.11 -5.88
N GLN A 254 28.81 -12.34 -4.58
CA GLN A 254 27.93 -13.27 -3.90
C GLN A 254 26.49 -12.77 -3.91
N LEU A 255 26.30 -11.45 -3.86
CA LEU A 255 24.95 -10.89 -3.98
C LEU A 255 24.35 -11.17 -5.36
N MET A 256 25.13 -10.99 -6.43
CA MET A 256 24.67 -11.38 -7.76
C MET A 256 24.22 -12.83 -7.77
N MET A 257 25.05 -13.71 -7.17
CA MET A 257 24.71 -15.14 -7.14
C MET A 257 23.41 -15.41 -6.41
N GLN A 258 23.13 -14.65 -5.33
CA GLN A 258 21.85 -14.80 -4.64
C GLN A 258 20.71 -14.32 -5.52
N CYS A 259 20.93 -13.24 -6.30
CA CYS A 259 19.89 -12.79 -7.20
C CYS A 259 19.62 -13.80 -8.31
N TRP A 260 20.60 -14.65 -8.62
CA TRP A 260 20.46 -15.65 -9.68
C TRP A 260 20.14 -17.05 -9.14
N GLN A 261 19.55 -17.15 -7.97
CA GLN A 261 19.17 -18.46 -7.47
C GLN A 261 18.13 -19.04 -8.41
N GLN A 262 18.22 -20.32 -8.72
CA GLN A 262 17.25 -20.92 -9.63
C GLN A 262 15.85 -20.87 -9.05
N GLU A 263 15.72 -21.16 -7.76
CA GLU A 263 14.42 -21.08 -7.08
C GLU A 263 14.19 -19.63 -6.68
N ARG A 264 13.18 -19.00 -7.28
CA ARG A 264 12.94 -17.57 -7.06
C ARG A 264 12.70 -17.23 -5.59
N ALA A 265 12.11 -18.15 -4.82
CA ALA A 265 11.84 -17.86 -3.42
C ALA A 265 13.10 -17.71 -2.59
N ARG A 266 14.23 -18.19 -3.09
CA ARG A 266 15.50 -18.05 -2.41
C ARG A 266 16.22 -16.74 -2.71
N ARG A 267 15.74 -15.97 -3.69
CA ARG A 267 16.38 -14.70 -4.02
C ARG A 267 16.05 -13.64 -2.95
N PRO A 268 16.94 -12.69 -2.74
CA PRO A 268 16.62 -11.59 -1.81
C PRO A 268 15.52 -10.73 -2.41
N LYS A 269 14.83 -10.02 -1.52
CA LYS A 269 13.90 -9.00 -1.97
C LYS A 269 14.70 -7.73 -2.22
N PHE A 270 14.09 -6.78 -2.95
CA PHE A 270 14.81 -5.53 -3.17
C PHE A 270 15.10 -4.79 -1.88
N ALA A 271 14.21 -4.89 -0.88
CA ALA A 271 14.50 -4.27 0.41
C ALA A 271 15.74 -4.86 1.04
N ASP A 272 15.93 -6.18 0.89
CA ASP A 272 17.14 -6.84 1.38
C ASP A 272 18.37 -6.35 0.63
N ILE A 273 18.26 -6.21 -0.69
CA ILE A 273 19.39 -5.74 -1.49
C ILE A 273 19.82 -4.35 -1.06
N VAL A 274 18.86 -3.44 -0.87
CA VAL A 274 19.22 -2.10 -0.43
C VAL A 274 19.91 -2.16 0.92
N SER A 275 19.38 -2.95 1.85
N SER A 275 19.38 -2.95 1.85
CA SER A 275 19.98 -3.05 3.18
CA SER A 275 19.97 -3.06 3.17
C SER A 275 21.40 -3.57 3.10
C SER A 275 21.41 -3.58 3.10
N ILE A 276 21.63 -4.59 2.27
CA ILE A 276 22.98 -5.16 2.13
C ILE A 276 23.93 -4.14 1.53
N LEU A 277 23.52 -3.49 0.45
CA LEU A 277 24.40 -2.51 -0.19
C LEU A 277 24.74 -1.37 0.76
N ASP A 278 23.76 -0.94 1.58
CA ASP A 278 24.02 0.09 2.58
C ASP A 278 25.07 -0.36 3.57
N LYS A 279 25.03 -1.63 3.99
CA LYS A 279 26.03 -2.13 4.93
C LYS A 279 27.41 -2.14 4.30
N LEU A 280 27.51 -2.50 3.02
CA LEU A 280 28.80 -2.50 2.35
C LEU A 280 29.35 -1.08 2.22
N ILE A 281 28.48 -0.13 1.89
CA ILE A 281 28.91 1.27 1.77
C ILE A 281 29.38 1.78 3.12
N ARG A 282 28.75 1.33 4.21
N ARG A 282 28.75 1.33 4.20
CA ARG A 282 29.15 1.74 5.55
CA ARG A 282 29.15 1.73 5.55
C ARG A 282 30.43 1.05 6.02
C ARG A 282 30.44 1.07 6.01
N ALA A 283 30.81 -0.07 5.41
CA ALA A 283 32.07 -0.76 5.70
C ALA A 283 32.90 -0.78 4.43
N PRO A 284 33.35 0.39 3.96
CA PRO A 284 33.94 0.48 2.62
C PRO A 284 35.19 -0.36 2.41
N ASP A 285 35.87 -0.79 3.48
CA ASP A 285 37.01 -1.70 3.27
C ASP A 285 36.57 -2.98 2.60
N SER A 286 35.29 -3.33 2.72
CA SER A 286 34.75 -4.52 2.07
C SER A 286 34.73 -4.38 0.56
N LEU A 287 34.91 -3.18 0.04
CA LEU A 287 34.88 -2.97 -1.40
C LEU A 287 36.27 -2.78 -1.99
N LYS A 288 37.30 -2.87 -1.18
CA LYS A 288 38.65 -2.67 -1.64
C LYS A 288 39.29 -3.86 -2.35
N THR A 289 40.14 -3.58 -3.31
CA THR A 289 40.86 -4.59 -4.05
C THR A 289 42.36 -4.45 -3.78
N LEU A 290 43.16 -5.26 -4.46
CA LEU A 290 44.59 -5.26 -4.21
C LEU A 290 45.21 -3.90 -4.50
N ALA A 291 44.75 -3.22 -5.56
CA ALA A 291 45.31 -1.92 -5.92
C ALA A 291 45.13 -0.89 -4.81
N ASP A 292 44.10 -1.05 -3.98
CA ASP A 292 43.87 -0.10 -2.90
C ASP A 292 44.88 -0.29 -1.76
N PHE A 293 45.58 -1.42 -1.74
CA PHE A 293 46.59 -1.71 -0.74
C PHE A 293 48.00 -1.65 -1.29
N ASP A 294 48.17 -1.71 -2.62
CA ASP A 294 49.49 -1.70 -3.24
C ASP A 294 49.35 -1.06 -4.60
N PRO A 295 49.60 0.26 -4.71
CA PRO A 295 49.54 0.87 -6.05
C PRO A 295 50.86 0.66 -6.81
N LEU B 8 -2.49 47.39 9.16
CA LEU B 8 -2.94 47.68 10.52
C LEU B 8 -3.98 46.67 10.97
N LYS B 9 -3.59 45.77 11.86
CA LYS B 9 -4.51 44.78 12.40
C LYS B 9 -4.79 45.06 13.88
N PHE B 10 -6.00 44.70 14.30
CA PHE B 10 -6.39 44.84 15.69
C PHE B 10 -7.58 43.94 15.94
N THR B 11 -7.95 43.82 17.21
CA THR B 11 -9.17 43.15 17.61
C THR B 11 -9.85 43.99 18.67
N THR B 12 -11.06 43.60 19.04
CA THR B 12 -11.82 44.34 20.03
C THR B 12 -11.32 43.99 21.43
N GLU B 13 -11.09 45.01 22.25
CA GLU B 13 -10.88 44.82 23.68
C GLU B 13 -12.28 44.81 24.32
N ILE B 14 -12.72 43.64 24.75
CA ILE B 14 -14.09 43.45 25.19
C ILE B 14 -14.18 43.73 26.69
N HIS B 15 -15.22 44.46 27.09
CA HIS B 15 -15.41 44.66 28.54
C HIS B 15 -16.06 43.41 29.13
N PRO B 16 -15.62 42.98 30.31
CA PRO B 16 -16.09 41.69 30.83
C PRO B 16 -17.60 41.67 31.12
N SER B 17 -18.23 42.83 31.33
CA SER B 17 -19.68 42.81 31.47
C SER B 17 -20.41 42.43 30.19
N CYS B 18 -19.73 42.38 29.04
CA CYS B 18 -20.37 42.00 27.80
C CYS B 18 -20.36 40.50 27.55
N VAL B 19 -19.71 39.73 28.40
CA VAL B 19 -19.54 38.30 28.21
C VAL B 19 -20.27 37.59 29.33
N THR B 20 -20.97 36.50 29.00
CA THR B 20 -21.59 35.63 29.99
C THR B 20 -21.04 34.23 29.78
N ARG B 21 -20.33 33.69 30.76
CA ARG B 21 -19.92 32.30 30.70
C ARG B 21 -21.09 31.40 31.09
N GLN B 22 -21.36 30.38 30.28
CA GLN B 22 -22.54 29.55 30.53
C GLN B 22 -22.23 28.10 30.88
N LYS B 23 -21.15 27.51 30.36
CA LYS B 23 -20.88 26.11 30.62
C LYS B 23 -19.42 25.86 30.33
N VAL B 24 -18.78 25.02 31.14
CA VAL B 24 -17.41 24.60 30.86
C VAL B 24 -17.46 23.57 29.74
N ILE B 25 -16.67 23.77 28.70
CA ILE B 25 -16.61 22.83 27.59
C ILE B 25 -15.27 22.14 27.43
N GLY B 26 -14.24 22.59 28.14
CA GLY B 26 -12.94 21.98 27.93
C GLY B 26 -11.90 22.63 28.81
N ALA B 27 -10.70 22.04 28.76
CA ALA B 27 -9.54 22.58 29.43
C ALA B 27 -8.49 22.83 28.37
N GLY B 28 -8.01 24.07 28.29
CA GLY B 28 -6.94 24.43 27.39
C GLY B 28 -5.60 24.39 28.11
N GLU B 29 -4.56 24.76 27.39
CA GLU B 29 -3.25 24.79 27.96
C GLU B 29 -3.10 25.91 28.96
N PHE B 30 -3.96 26.90 28.89
CA PHE B 30 -3.84 28.05 29.77
C PHE B 30 -4.92 28.13 30.83
N GLY B 31 -5.93 27.29 30.79
CA GLY B 31 -7.06 27.46 31.68
C GLY B 31 -8.30 26.85 31.06
N GLU B 32 -9.43 27.05 31.73
CA GLU B 32 -10.65 26.41 31.29
C GLU B 32 -11.26 27.16 30.11
N VAL B 33 -12.02 26.43 29.29
CA VAL B 33 -12.70 26.99 28.13
C VAL B 33 -14.20 26.83 28.35
N TYR B 34 -14.95 27.88 28.04
CA TYR B 34 -16.38 27.92 28.25
C TYR B 34 -17.12 28.17 26.94
N LYS B 35 -18.38 27.74 26.89
CA LYS B 35 -19.32 28.30 25.94
C LYS B 35 -20.05 29.44 26.65
N GLY B 36 -20.32 30.51 25.93
CA GLY B 36 -21.06 31.61 26.50
C GLY B 36 -21.65 32.51 25.44
N MET B 37 -22.05 33.71 25.86
CA MET B 37 -22.64 34.67 24.95
C MET B 37 -21.89 35.98 25.04
N LEU B 38 -21.90 36.73 23.93
CA LEU B 38 -21.19 38.00 23.81
C LEU B 38 -22.18 39.04 23.32
N LYS B 39 -22.26 40.18 24.03
CA LYS B 39 -23.21 41.23 23.67
C LYS B 39 -22.83 42.06 22.45
N THR B 40 -23.83 42.47 21.68
CA THR B 40 -23.62 43.16 20.42
C THR B 40 -24.23 44.57 20.54
N SER B 41 -24.79 45.08 19.45
CA SER B 41 -25.19 46.48 19.28
C SER B 41 -24.06 47.49 19.54
N LYS B 45 -28.40 41.57 19.17
CA LYS B 45 -28.60 40.13 19.26
C LYS B 45 -27.32 39.42 19.70
N GLU B 46 -27.29 38.96 20.96
CA GLU B 46 -26.08 38.33 21.49
C GLU B 46 -25.71 37.09 20.68
N VAL B 47 -24.41 36.85 20.57
CA VAL B 47 -23.89 35.79 19.72
C VAL B 47 -23.18 34.73 20.57
N PRO B 48 -23.34 33.44 20.24
CA PRO B 48 -22.64 32.41 21.03
C PRO B 48 -21.15 32.45 20.73
N VAL B 49 -20.36 32.22 21.79
CA VAL B 49 -18.90 32.29 21.69
C VAL B 49 -18.26 31.20 22.51
N ALA B 50 -17.02 30.87 22.15
CA ALA B 50 -16.12 30.11 23.00
C ALA B 50 -15.24 31.11 23.75
N ILE B 51 -14.97 30.81 25.02
CA ILE B 51 -14.30 31.75 25.92
C ILE B 51 -13.16 31.00 26.56
N LYS B 52 -11.93 31.37 26.19
CA LYS B 52 -10.73 30.76 26.74
C LYS B 52 -10.21 31.69 27.82
N THR B 53 -10.08 31.18 29.05
CA THR B 53 -9.63 32.00 30.16
C THR B 53 -8.19 31.65 30.53
N LEU B 54 -7.48 32.64 31.04
CA LEU B 54 -6.15 32.42 31.60
C LEU B 54 -6.29 32.11 33.09
N LYS B 55 -5.83 30.94 33.52
CA LYS B 55 -5.98 30.53 34.91
C LYS B 55 -5.32 31.56 35.83
N ALA B 56 -5.94 31.80 36.98
CA ALA B 56 -5.31 32.67 37.96
C ALA B 56 -4.02 32.02 38.46
N GLY B 57 -3.09 32.86 38.92
CA GLY B 57 -1.80 32.32 39.29
C GLY B 57 -0.98 31.84 38.11
N TYR B 58 -1.17 32.44 36.94
CA TYR B 58 -0.35 32.14 35.78
C TYR B 58 1.05 32.69 35.99
N THR B 59 2.02 32.06 35.31
CA THR B 59 3.36 32.64 35.20
C THR B 59 3.37 33.75 34.16
N GLU B 60 4.46 34.53 34.15
CA GLU B 60 4.56 35.60 33.17
C GLU B 60 4.69 35.05 31.76
N LYS B 61 5.35 33.91 31.59
CA LYS B 61 5.46 33.30 30.26
C LYS B 61 4.11 32.78 29.80
N GLN B 62 3.33 32.17 30.70
CA GLN B 62 1.98 31.76 30.35
C GLN B 62 1.14 32.94 29.85
N ARG B 63 1.29 34.10 30.49
CA ARG B 63 0.50 35.26 30.09
C ARG B 63 0.86 35.70 28.67
N VAL B 64 2.17 35.76 28.36
CA VAL B 64 2.56 36.24 27.03
C VAL B 64 2.20 35.22 25.95
N ASP B 65 2.32 33.92 26.25
CA ASP B 65 1.91 32.90 25.27
C ASP B 65 0.40 32.92 25.06
N PHE B 66 -0.36 33.18 26.12
CA PHE B 66 -1.82 33.26 26.02
C PHE B 66 -2.23 34.37 25.05
N LEU B 67 -1.76 35.60 25.30
CA LEU B 67 -2.15 36.70 24.44
C LEU B 67 -1.49 36.64 23.07
N GLY B 68 -0.32 35.99 22.97
CA GLY B 68 0.31 35.83 21.66
C GLY B 68 -0.56 35.03 20.70
N GLU B 69 -1.27 34.04 21.24
CA GLU B 69 -2.20 33.27 20.44
C GLU B 69 -3.25 34.16 19.80
N ALA B 70 -3.77 35.14 20.54
CA ALA B 70 -4.72 36.06 19.96
C ALA B 70 -4.07 36.93 18.90
N GLY B 71 -2.80 37.26 19.07
CA GLY B 71 -2.08 37.99 18.04
C GLY B 71 -2.03 37.24 16.72
N ILE B 72 -1.83 35.93 16.77
CA ILE B 72 -1.78 35.13 15.54
C ILE B 72 -3.17 35.03 14.92
N MET B 73 -4.13 34.58 15.73
CA MET B 73 -5.49 34.40 15.23
C MET B 73 -6.07 35.71 14.68
N GLY B 74 -5.81 36.83 15.36
CA GLY B 74 -6.48 38.07 15.01
C GLY B 74 -6.06 38.66 13.68
N GLN B 75 -4.90 38.26 13.15
CA GLN B 75 -4.46 38.81 11.88
C GLN B 75 -5.12 38.14 10.68
N PHE B 76 -5.82 37.03 10.88
CA PHE B 76 -6.45 36.32 9.78
C PHE B 76 -7.93 36.68 9.69
N SER B 77 -8.45 36.64 8.46
CA SER B 77 -9.87 36.84 8.21
C SER B 77 -10.26 35.93 7.04
N HIS B 78 -10.77 34.74 7.37
CA HIS B 78 -11.12 33.75 6.36
C HIS B 78 -12.21 32.84 6.92
N HIS B 79 -13.12 32.46 6.04
CA HIS B 79 -14.24 31.60 6.41
C HIS B 79 -13.80 30.30 7.07
N ASN B 80 -12.63 29.77 6.70
CA ASN B 80 -12.18 28.49 7.23
C ASN B 80 -11.05 28.61 8.24
N ILE B 81 -10.91 29.79 8.86
CA ILE B 81 -9.98 30.01 9.96
C ILE B 81 -10.80 30.56 11.13
N ILE B 82 -10.59 30.01 12.32
CA ILE B 82 -11.41 30.40 13.48
C ILE B 82 -11.38 31.92 13.65
N ARG B 83 -12.56 32.51 13.82
CA ARG B 83 -12.68 33.97 13.93
C ARG B 83 -12.51 34.41 15.38
N LEU B 84 -11.62 35.38 15.61
CA LEU B 84 -11.46 36.01 16.91
C LEU B 84 -12.50 37.12 17.08
N GLU B 85 -13.35 37.00 18.10
CA GLU B 85 -14.25 38.09 18.42
C GLU B 85 -13.54 39.20 19.18
N GLY B 86 -12.61 38.85 20.07
CA GLY B 86 -11.88 39.87 20.79
C GLY B 86 -11.18 39.27 21.99
N VAL B 87 -10.60 40.15 22.79
CA VAL B 87 -9.83 39.70 23.94
C VAL B 87 -10.21 40.57 25.14
N ILE B 88 -10.10 39.98 26.33
CA ILE B 88 -10.13 40.73 27.57
C ILE B 88 -8.70 40.70 28.11
N SER B 89 -8.01 41.84 28.04
CA SER B 89 -6.65 41.92 28.54
C SER B 89 -6.49 42.90 29.68
N LYS B 90 -7.45 43.78 29.89
CA LYS B 90 -7.37 44.84 30.89
C LYS B 90 -8.10 44.50 32.18
N TYR B 91 -8.71 43.31 32.26
CA TYR B 91 -9.42 42.85 33.44
C TYR B 91 -9.03 41.39 33.68
N LYS B 92 -9.36 40.88 34.86
CA LYS B 92 -9.07 39.49 35.20
C LYS B 92 -10.35 38.71 35.48
N PRO B 93 -10.39 37.45 35.03
CA PRO B 93 -9.38 36.73 34.26
C PRO B 93 -9.30 37.24 32.83
N MET B 94 -8.11 37.16 32.25
CA MET B 94 -7.97 37.49 30.84
C MET B 94 -8.63 36.40 29.99
N MET B 95 -9.12 36.79 28.82
CA MET B 95 -9.93 35.90 28.00
C MET B 95 -9.63 36.11 26.52
N ILE B 96 -9.69 35.02 25.77
CA ILE B 96 -9.74 35.07 24.31
C ILE B 96 -11.11 34.56 23.89
N ILE B 97 -11.81 35.31 23.06
N ILE B 97 -11.83 35.35 23.10
CA ILE B 97 -13.20 35.02 22.73
CA ILE B 97 -13.22 35.07 22.71
C ILE B 97 -13.31 34.81 21.22
C ILE B 97 -13.22 34.78 21.22
N THR B 98 -13.72 33.60 20.83
CA THR B 98 -13.82 33.22 19.43
C THR B 98 -15.26 32.84 19.10
N GLU B 99 -15.56 32.73 17.81
CA GLU B 99 -16.82 32.14 17.38
C GLU B 99 -16.96 30.75 17.98
N TYR B 100 -18.22 30.34 18.20
CA TYR B 100 -18.50 29.04 18.80
C TYR B 100 -18.64 27.96 17.71
N MET B 101 -17.99 26.83 17.93
CA MET B 101 -18.00 25.72 16.97
C MET B 101 -18.67 24.52 17.67
N GLU B 102 -19.99 24.40 17.45
CA GLU B 102 -20.81 23.52 18.25
C GLU B 102 -20.36 22.06 18.20
N ASN B 103 -19.81 21.62 17.08
CA ASN B 103 -19.47 20.22 16.96
C ASN B 103 -18.05 19.88 17.39
N GLY B 104 -17.29 20.86 17.90
CA GLY B 104 -16.03 20.50 18.51
C GLY B 104 -14.94 20.10 17.53
N ALA B 105 -13.97 19.37 18.05
CA ALA B 105 -12.83 18.95 17.24
C ALA B 105 -13.23 17.89 16.21
N LEU B 106 -12.66 18.01 15.02
CA LEU B 106 -13.07 17.20 13.88
C LEU B 106 -12.80 15.72 14.10
N ASP B 107 -11.65 15.35 14.67
CA ASP B 107 -11.37 13.93 14.86
C ASP B 107 -12.37 13.29 15.81
N LYS B 108 -12.65 13.96 16.94
CA LYS B 108 -13.62 13.41 17.88
C LYS B 108 -15.02 13.39 17.28
N PHE B 109 -15.36 14.44 16.51
CA PHE B 109 -16.69 14.51 15.89
C PHE B 109 -16.91 13.35 14.93
N LEU B 110 -15.92 13.06 14.09
CA LEU B 110 -16.10 11.97 13.14
C LEU B 110 -16.17 10.62 13.84
N ARG B 111 -15.43 10.44 14.93
CA ARG B 111 -15.52 9.16 15.65
C ARG B 111 -16.90 8.99 16.24
N GLU B 112 -17.47 10.07 16.75
CA GLU B 112 -18.81 10.04 17.30
C GLU B 112 -19.85 9.74 16.22
N LYS B 113 -19.64 10.25 15.01
CA LYS B 113 -20.59 10.14 13.91
C LYS B 113 -20.11 9.11 12.87
N ASP B 114 -19.47 8.03 13.31
CA ASP B 114 -18.83 7.14 12.36
C ASP B 114 -19.85 6.55 11.38
N GLY B 115 -19.55 6.71 10.10
CA GLY B 115 -20.42 6.26 9.01
C GLY B 115 -21.66 7.09 8.77
N GLU B 116 -21.81 8.25 9.40
CA GLU B 116 -23.06 8.99 9.36
C GLU B 116 -23.05 10.17 8.39
N PHE B 117 -22.02 10.28 7.56
CA PHE B 117 -21.95 11.30 6.53
C PHE B 117 -21.80 10.67 5.16
N SER B 118 -22.25 11.41 4.15
CA SER B 118 -22.02 10.99 2.77
C SER B 118 -20.57 11.27 2.39
N VAL B 119 -20.08 10.51 1.40
CA VAL B 119 -18.73 10.78 0.91
C VAL B 119 -18.60 12.22 0.41
N LEU B 120 -19.64 12.71 -0.28
CA LEU B 120 -19.60 14.09 -0.75
C LEU B 120 -19.47 15.07 0.42
N GLN B 121 -20.17 14.81 1.53
CA GLN B 121 -20.04 15.68 2.69
C GLN B 121 -18.61 15.67 3.24
N LEU B 122 -18.02 14.49 3.34
CA LEU B 122 -16.64 14.38 3.83
C LEU B 122 -15.68 15.14 2.92
N VAL B 123 -15.87 15.03 1.61
CA VAL B 123 -14.98 15.72 0.68
C VAL B 123 -15.17 17.23 0.78
N GLY B 124 -16.40 17.68 1.05
CA GLY B 124 -16.60 19.11 1.29
C GLY B 124 -15.88 19.61 2.52
N MET B 125 -15.80 18.76 3.56
CA MET B 125 -15.05 19.17 4.76
C MET B 125 -13.58 19.36 4.43
N LEU B 126 -13.02 18.43 3.66
CA LEU B 126 -11.63 18.53 3.25
C LEU B 126 -11.41 19.78 2.41
N ARG B 127 -12.37 20.13 1.55
CA ARG B 127 -12.23 21.32 0.74
C ARG B 127 -12.18 22.57 1.60
N GLY B 128 -13.01 22.62 2.65
CA GLY B 128 -12.96 23.78 3.54
C GLY B 128 -11.63 23.90 4.26
N ILE B 129 -11.12 22.78 4.79
CA ILE B 129 -9.80 22.78 5.41
C ILE B 129 -8.74 23.26 4.43
N ALA B 130 -8.80 22.73 3.21
CA ALA B 130 -7.80 23.11 2.20
C ALA B 130 -7.89 24.59 1.85
N ALA B 131 -9.10 25.15 1.82
CA ALA B 131 -9.25 26.58 1.56
C ALA B 131 -8.63 27.41 2.68
N GLY B 132 -8.82 27.00 3.93
CA GLY B 132 -8.17 27.69 5.04
C GLY B 132 -6.66 27.63 4.91
N MET B 133 -6.12 26.47 4.54
CA MET B 133 -4.67 26.32 4.42
C MET B 133 -4.14 27.12 3.23
N LYS B 134 -4.91 27.16 2.13
CA LYS B 134 -4.50 27.97 0.99
C LYS B 134 -4.36 29.43 1.42
N TYR B 135 -5.31 29.90 2.22
CA TYR B 135 -5.26 31.27 2.72
C TYR B 135 -4.04 31.48 3.62
N LEU B 136 -3.77 30.55 4.53
CA LEU B 136 -2.61 30.68 5.41
C LEU B 136 -1.33 30.69 4.60
N ALA B 137 -1.20 29.76 3.66
CA ALA B 137 0.01 29.67 2.84
C ALA B 137 0.24 30.97 2.06
N ASN B 138 -0.85 31.55 1.54
CA ASN B 138 -0.76 32.81 0.81
C ASN B 138 -0.37 33.98 1.71
N MET B 139 -0.66 33.87 3.01
CA MET B 139 -0.18 34.83 4.00
C MET B 139 1.23 34.50 4.49
N ASN B 140 1.87 33.48 3.91
CA ASN B 140 3.19 33.03 4.35
C ASN B 140 3.17 32.58 5.82
N TYR B 141 2.08 31.94 6.23
CA TYR B 141 1.99 31.37 7.57
C TYR B 141 2.09 29.85 7.43
N VAL B 142 3.11 29.27 8.06
CA VAL B 142 3.30 27.82 8.11
C VAL B 142 2.73 27.34 9.43
N HIS B 143 1.77 26.41 9.37
CA HIS B 143 1.07 26.04 10.59
C HIS B 143 1.94 25.15 11.48
N ARG B 144 2.55 24.15 10.89
CA ARG B 144 3.41 23.22 11.57
C ARG B 144 2.72 22.16 12.40
N ASP B 145 1.44 22.28 12.67
CA ASP B 145 0.74 21.33 13.54
C ASP B 145 -0.67 21.05 13.01
N LEU B 146 -0.80 20.89 11.70
CA LEU B 146 -2.11 20.62 11.11
C LEU B 146 -2.47 19.16 11.34
N ALA B 147 -3.64 18.94 11.94
CA ALA B 147 -4.12 17.63 12.31
C ALA B 147 -5.61 17.79 12.57
N ALA B 148 -6.36 16.68 12.48
CA ALA B 148 -7.80 16.82 12.64
C ALA B 148 -8.17 17.36 14.02
N ARG B 149 -7.35 17.06 15.05
CA ARG B 149 -7.62 17.55 16.39
C ARG B 149 -7.55 19.07 16.49
N ASN B 150 -6.93 19.73 15.51
CA ASN B 150 -6.79 21.17 15.50
C ASN B 150 -7.78 21.87 14.57
N ILE B 151 -8.72 21.10 14.01
N ILE B 151 -8.74 21.13 14.03
CA ILE B 151 -9.81 21.63 13.19
CA ILE B 151 -9.80 21.68 13.19
C ILE B 151 -11.07 21.59 14.03
C ILE B 151 -11.10 21.57 13.97
N LEU B 152 -11.83 22.67 14.04
CA LEU B 152 -13.13 22.68 14.72
C LEU B 152 -14.25 22.69 13.69
N VAL B 153 -15.43 22.21 14.11
CA VAL B 153 -16.56 22.06 13.19
C VAL B 153 -17.77 22.75 13.81
N ASN B 154 -18.44 23.60 13.03
CA ASN B 154 -19.64 24.26 13.56
C ASN B 154 -20.91 23.49 13.20
N SER B 155 -22.07 24.05 13.61
CA SER B 155 -23.36 23.38 13.40
C SER B 155 -23.72 23.24 11.93
N ASN B 156 -23.12 24.06 11.04
CA ASN B 156 -23.31 23.93 9.60
C ASN B 156 -22.27 23.06 8.92
N LEU B 157 -21.45 22.34 9.69
CA LEU B 157 -20.42 21.45 9.16
C LEU B 157 -19.26 22.18 8.53
N VAL B 158 -19.12 23.48 8.77
CA VAL B 158 -17.97 24.21 8.28
C VAL B 158 -16.78 23.86 9.16
N CYS B 159 -15.69 23.43 8.53
CA CYS B 159 -14.46 23.07 9.22
C CYS B 159 -13.51 24.26 9.18
N LYS B 160 -12.92 24.59 10.33
CA LYS B 160 -12.03 25.75 10.42
C LYS B 160 -10.74 25.39 11.15
N VAL B 161 -9.61 25.85 10.61
CA VAL B 161 -8.34 25.68 11.31
C VAL B 161 -8.36 26.55 12.56
N SER B 162 -8.07 25.95 13.72
CA SER B 162 -8.51 26.57 14.97
C SER B 162 -7.49 26.67 16.08
N ASP B 163 -6.39 25.93 16.03
CA ASP B 163 -5.44 25.85 17.11
C ASP B 163 -4.10 26.32 16.59
N PHE B 164 -3.58 27.37 17.20
CA PHE B 164 -2.29 27.93 16.85
C PHE B 164 -1.33 27.85 18.04
N GLY B 165 -1.54 26.85 18.90
CA GLY B 165 -0.78 26.67 20.12
C GLY B 165 0.58 26.06 19.89
N LEU B 166 0.63 24.74 19.67
CA LEU B 166 1.88 24.11 19.28
C LEU B 166 2.43 24.72 18.00
N SER B 167 1.54 25.17 17.11
CA SER B 167 1.92 25.93 15.93
C SER B 167 2.89 27.05 16.29
N ARG B 168 2.55 27.83 17.30
CA ARG B 168 3.39 28.95 17.71
C ARG B 168 4.68 28.45 18.36
N VAL B 169 4.57 27.40 19.13
CA VAL B 169 5.76 26.87 19.82
C VAL B 169 6.80 26.32 18.85
N LEU B 170 6.35 25.84 17.69
CA LEU B 170 7.29 25.32 16.70
C LEU B 170 7.83 26.42 15.78
N GLU B 171 7.16 27.58 15.70
CA GLU B 171 7.74 28.75 15.07
C GLU B 171 8.84 29.40 15.93
N ASP B 172 8.64 29.48 17.26
CA ASP B 172 9.68 30.09 18.09
C ASP B 172 10.93 29.21 18.18
N ASP B 173 10.74 27.92 18.44
CA ASP B 173 11.84 26.96 18.48
C ASP B 173 11.46 25.77 17.62
N PRO B 174 11.74 25.83 16.32
CA PRO B 174 11.40 24.69 15.44
C PRO B 174 12.16 23.42 15.75
N GLU B 175 13.24 23.50 16.51
CA GLU B 175 14.01 22.34 16.91
C GLU B 175 13.46 21.65 18.16
N ALA B 176 12.50 22.26 18.84
CA ALA B 176 11.97 21.77 20.11
C ALA B 176 11.61 20.29 20.11
N LYS B 184 5.77 14.86 24.68
CA LYS B 184 6.59 15.13 23.50
C LYS B 184 5.73 15.50 22.29
N ILE B 185 6.32 16.26 21.37
CA ILE B 185 5.56 16.73 20.20
C ILE B 185 5.19 15.53 19.33
N PRO B 186 3.99 15.50 18.76
CA PRO B 186 3.63 14.39 17.87
C PRO B 186 4.46 14.45 16.59
N ILE B 187 4.64 13.28 15.99
CA ILE B 187 5.36 13.17 14.73
C ILE B 187 4.54 12.52 13.62
N ARG B 188 3.44 11.83 13.92
CA ARG B 188 2.81 11.07 12.84
C ARG B 188 2.02 11.94 11.86
N TRP B 189 1.94 13.25 12.09
CA TRP B 189 1.36 14.17 11.11
C TRP B 189 2.43 14.94 10.35
N THR B 190 3.70 14.73 10.68
CA THR B 190 4.75 15.63 10.23
C THR B 190 5.53 15.03 9.05
N ALA B 191 5.85 15.90 8.08
CA ALA B 191 6.57 15.45 6.91
C ALA B 191 7.96 14.97 7.29
N PRO B 192 8.52 14.03 6.53
CA PRO B 192 9.82 13.43 6.91
C PRO B 192 10.93 14.45 7.04
N GLU B 193 11.00 15.39 6.11
CA GLU B 193 12.04 16.41 6.17
C GLU B 193 11.86 17.36 7.34
N ALA B 194 10.62 17.55 7.82
CA ALA B 194 10.43 18.39 8.99
C ALA B 194 10.86 17.68 10.26
N ILE B 195 10.66 16.35 10.33
CA ILE B 195 11.17 15.56 11.45
C ILE B 195 12.69 15.53 11.44
N SER B 196 13.28 15.26 10.27
CA SER B 196 14.71 15.01 10.18
C SER B 196 15.51 16.30 10.33
N TYR B 197 15.15 17.33 9.57
CA TYR B 197 15.96 18.55 9.49
C TYR B 197 15.25 19.75 10.08
N ARG B 198 14.13 19.55 10.78
CA ARG B 198 13.38 20.65 11.40
C ARG B 198 12.99 21.72 10.37
N LYS B 199 12.83 21.30 9.13
CA LYS B 199 12.47 22.18 8.04
C LYS B 199 10.98 22.23 7.77
N PHE B 200 10.29 23.14 8.42
CA PHE B 200 8.84 23.29 8.26
C PHE B 200 8.54 24.35 7.20
N THR B 201 7.72 23.99 6.22
CA THR B 201 7.32 24.88 5.15
C THR B 201 5.85 24.61 4.85
N SER B 202 5.29 25.38 3.91
CA SER B 202 3.92 25.07 3.47
C SER B 202 3.87 23.67 2.85
N ALA B 203 4.97 23.20 2.26
CA ALA B 203 4.97 21.86 1.67
C ALA B 203 4.93 20.79 2.74
N SER B 204 5.50 21.04 3.92
CA SER B 204 5.30 20.06 5.00
C SER B 204 3.88 20.14 5.55
N ASP B 205 3.28 21.33 5.53
CA ASP B 205 1.86 21.41 5.87
C ASP B 205 1.02 20.61 4.90
N VAL B 206 1.41 20.56 3.61
CA VAL B 206 0.68 19.77 2.63
C VAL B 206 0.73 18.28 3.00
N TRP B 207 1.89 17.79 3.43
CA TRP B 207 1.98 16.42 3.93
C TRP B 207 0.97 16.22 5.05
N SER B 208 0.97 17.13 6.04
CA SER B 208 0.02 17.03 7.14
C SER B 208 -1.40 17.01 6.63
N PHE B 209 -1.71 17.84 5.63
CA PHE B 209 -3.06 17.82 5.08
C PHE B 209 -3.42 16.45 4.52
N GLY B 210 -2.49 15.79 3.85
CA GLY B 210 -2.76 14.43 3.41
C GLY B 210 -3.12 13.51 4.57
N ILE B 211 -2.41 13.64 5.69
CA ILE B 211 -2.76 12.85 6.87
C ILE B 211 -4.16 13.22 7.36
N VAL B 212 -4.50 14.51 7.36
CA VAL B 212 -5.87 14.91 7.74
C VAL B 212 -6.90 14.29 6.80
N MET B 213 -6.63 14.28 5.49
CA MET B 213 -7.54 13.60 4.57
C MET B 213 -7.78 12.16 4.99
N TRP B 214 -6.73 11.46 5.39
CA TRP B 214 -6.88 10.07 5.81
C TRP B 214 -7.67 9.98 7.10
N GLU B 215 -7.42 10.88 8.05
CA GLU B 215 -8.23 10.92 9.26
C GLU B 215 -9.71 11.09 8.94
N VAL B 216 -10.02 12.02 8.03
CA VAL B 216 -11.42 12.27 7.70
C VAL B 216 -12.04 11.03 7.03
N MET B 217 -11.33 10.46 6.04
CA MET B 217 -11.94 9.37 5.28
C MET B 217 -12.04 8.07 6.08
N THR B 218 -11.34 7.97 7.20
CA THR B 218 -11.45 6.83 8.10
C THR B 218 -12.36 7.10 9.29
N TYR B 219 -13.03 8.26 9.32
CA TYR B 219 -13.83 8.66 10.48
C TYR B 219 -13.00 8.69 11.77
N GLY B 220 -11.79 9.23 11.68
CA GLY B 220 -11.04 9.52 12.88
C GLY B 220 -10.17 8.40 13.39
N GLU B 221 -9.73 7.49 12.53
CA GLU B 221 -8.69 6.53 12.90
C GLU B 221 -7.41 7.29 13.20
N ARG B 222 -6.63 6.75 14.13
CA ARG B 222 -5.32 7.31 14.42
C ARG B 222 -4.37 6.99 13.28
N PRO B 223 -3.66 7.97 12.73
CA PRO B 223 -2.68 7.66 11.68
C PRO B 223 -1.71 6.60 12.16
N TYR B 224 -1.51 5.58 11.32
CA TYR B 224 -0.59 4.47 11.60
C TYR B 224 -1.05 3.60 12.75
N TRP B 225 -2.31 3.72 13.14
CA TRP B 225 -2.97 2.80 14.09
C TRP B 225 -2.17 2.80 15.39
N GLU B 226 -1.87 1.63 15.96
CA GLU B 226 -1.19 1.51 17.25
C GLU B 226 0.33 1.54 17.15
N LEU B 227 0.90 1.73 15.96
CA LEU B 227 2.35 1.75 15.84
C LEU B 227 2.91 2.91 16.66
N SER B 228 4.08 2.67 17.27
CA SER B 228 4.73 3.71 18.06
C SER B 228 5.37 4.74 17.13
N ASN B 229 5.68 5.90 17.70
CA ASN B 229 6.35 6.95 16.92
C ASN B 229 7.62 6.42 16.27
N HIS B 230 8.38 5.59 16.99
CA HIS B 230 9.61 5.03 16.46
C HIS B 230 9.34 4.19 15.21
N GLU B 231 8.33 3.34 15.28
CA GLU B 231 7.95 2.49 14.17
C GLU B 231 7.41 3.29 13.00
N VAL B 232 6.66 4.35 13.29
CA VAL B 232 6.16 5.24 12.25
C VAL B 232 7.31 5.85 11.45
N MET B 233 8.29 6.40 12.16
CA MET B 233 9.43 6.99 11.47
C MET B 233 10.19 5.94 10.68
N LYS B 234 10.41 4.76 11.27
CA LYS B 234 11.07 3.68 10.53
C LYS B 234 10.29 3.33 9.27
N ALA B 235 8.96 3.20 9.37
CA ALA B 235 8.17 2.81 8.21
C ALA B 235 8.21 3.89 7.13
N ILE B 236 8.05 5.15 7.51
CA ILE B 236 8.03 6.22 6.51
C ILE B 236 9.38 6.33 5.82
N ASN B 237 10.46 6.27 6.61
CA ASN B 237 11.79 6.30 6.01
C ASN B 237 12.05 5.07 5.13
N ASP B 238 11.26 4.02 5.29
CA ASP B 238 11.34 2.81 4.49
C ASP B 238 10.39 2.82 3.28
N GLY B 239 9.61 3.88 3.10
CA GLY B 239 8.73 4.02 1.96
C GLY B 239 7.26 3.72 2.23
N PHE B 240 6.91 3.34 3.46
CA PHE B 240 5.53 3.02 3.74
C PHE B 240 4.66 4.27 3.61
N ARG B 241 3.45 4.08 3.06
CA ARG B 241 2.41 5.10 3.10
C ARG B 241 1.12 4.47 3.60
N LEU B 242 0.28 5.27 4.26
CA LEU B 242 -0.98 4.75 4.78
C LEU B 242 -1.83 4.22 3.63
N PRO B 243 -2.55 3.12 3.83
CA PRO B 243 -3.34 2.50 2.75
C PRO B 243 -4.66 3.24 2.53
N THR B 244 -5.29 2.94 1.42
CA THR B 244 -6.55 3.61 1.11
C THR B 244 -7.61 3.26 2.17
N PRO B 245 -8.29 4.25 2.73
CA PRO B 245 -9.39 3.96 3.66
C PRO B 245 -10.47 3.18 2.93
N MET B 246 -11.22 2.38 3.69
CA MET B 246 -12.27 1.59 3.05
C MET B 246 -13.30 2.51 2.44
N ASP B 247 -13.71 2.21 1.20
CA ASP B 247 -14.69 2.96 0.44
C ASP B 247 -14.25 4.38 0.10
N CYS B 248 -12.96 4.66 0.18
CA CYS B 248 -12.48 5.98 -0.20
C CYS B 248 -12.42 6.08 -1.72
N PRO B 249 -12.94 7.15 -2.32
CA PRO B 249 -12.84 7.32 -3.78
C PRO B 249 -11.39 7.31 -4.21
N SER B 250 -11.12 6.65 -5.34
CA SER B 250 -9.74 6.53 -5.80
C SER B 250 -9.11 7.91 -6.05
N ALA B 251 -9.89 8.89 -6.53
CA ALA B 251 -9.32 10.21 -6.77
C ALA B 251 -8.91 10.88 -5.47
N ILE B 252 -9.62 10.58 -4.37
CA ILE B 252 -9.25 11.17 -3.09
C ILE B 252 -7.98 10.51 -2.54
N TYR B 253 -7.89 9.18 -2.64
CA TYR B 253 -6.64 8.52 -2.21
C TYR B 253 -5.47 8.96 -3.07
N GLN B 254 -5.69 9.14 -4.37
CA GLN B 254 -4.61 9.62 -5.23
C GLN B 254 -4.10 10.97 -4.75
N LEU B 255 -5.01 11.86 -4.33
CA LEU B 255 -4.59 13.16 -3.83
C LEU B 255 -3.81 13.03 -2.52
N MET B 256 -4.27 12.16 -1.60
CA MET B 256 -3.47 11.83 -0.42
C MET B 256 -2.05 11.45 -0.80
N MET B 257 -1.90 10.52 -1.74
CA MET B 257 -0.57 10.03 -2.08
C MET B 257 0.27 11.15 -2.70
N GLN B 258 -0.36 12.08 -3.41
CA GLN B 258 0.37 13.24 -3.91
C GLN B 258 0.90 14.10 -2.77
N CYS B 259 0.10 14.28 -1.72
CA CYS B 259 0.56 15.08 -0.59
C CYS B 259 1.71 14.42 0.15
N TRP B 260 1.84 13.10 0.06
CA TRP B 260 2.88 12.37 0.77
C TRP B 260 4.07 12.04 -0.10
N GLN B 261 4.30 12.80 -1.16
CA GLN B 261 5.49 12.52 -1.96
C GLN B 261 6.74 12.82 -1.13
N GLN B 262 7.75 11.95 -1.25
CA GLN B 262 8.95 12.09 -0.43
C GLN B 262 9.64 13.41 -0.72
N GLU B 263 9.70 13.78 -2.00
CA GLU B 263 10.37 15.01 -2.39
C GLU B 263 9.36 16.17 -2.29
N ARG B 264 9.61 17.08 -1.33
CA ARG B 264 8.63 18.09 -1.00
C ARG B 264 8.30 18.98 -2.18
N ALA B 265 9.27 19.23 -3.06
CA ALA B 265 9.01 20.12 -4.20
C ALA B 265 8.02 19.52 -5.19
N ARG B 266 7.79 18.20 -5.15
CA ARG B 266 6.83 17.57 -6.05
C ARG B 266 5.41 17.56 -5.50
N ARG B 267 5.21 17.87 -4.22
CA ARG B 267 3.86 17.87 -3.67
C ARG B 267 3.03 19.00 -4.28
N PRO B 268 1.72 18.83 -4.38
CA PRO B 268 0.87 19.93 -4.86
C PRO B 268 0.87 21.07 -3.87
N LYS B 269 0.57 22.27 -4.35
CA LYS B 269 0.36 23.40 -3.46
C LYS B 269 -1.09 23.40 -2.99
N PHE B 270 -1.33 24.13 -1.89
CA PHE B 270 -2.72 24.23 -1.40
C PHE B 270 -3.66 24.79 -2.46
N ALA B 271 -3.20 25.75 -3.27
CA ALA B 271 -4.05 26.24 -4.34
C ALA B 271 -4.45 25.12 -5.30
N ASP B 272 -3.51 24.22 -5.61
CA ASP B 272 -3.83 23.08 -6.48
C ASP B 272 -4.78 22.12 -5.80
N ILE B 273 -4.56 21.85 -4.51
CA ILE B 273 -5.43 20.96 -3.75
C ILE B 273 -6.87 21.46 -3.77
N VAL B 274 -7.07 22.77 -3.50
CA VAL B 274 -8.42 23.34 -3.57
C VAL B 274 -9.03 23.13 -4.95
N SER B 275 -8.25 23.41 -6.01
N SER B 275 -8.25 23.40 -6.01
CA SER B 275 -8.76 23.24 -7.36
CA SER B 275 -8.77 23.25 -7.36
C SER B 275 -9.17 21.80 -7.64
C SER B 275 -9.16 21.80 -7.65
N ILE B 276 -8.35 20.83 -7.19
CA ILE B 276 -8.65 19.43 -7.44
C ILE B 276 -9.95 19.02 -6.74
N LEU B 277 -10.09 19.38 -5.46
CA LEU B 277 -11.29 19.02 -4.73
C LEU B 277 -12.53 19.69 -5.31
N ASP B 278 -12.38 20.94 -5.76
CA ASP B 278 -13.51 21.64 -6.37
C ASP B 278 -14.02 20.92 -7.60
N LYS B 279 -13.10 20.45 -8.46
CA LYS B 279 -13.51 19.72 -9.65
C LYS B 279 -14.25 18.44 -9.27
N LEU B 280 -13.77 17.73 -8.25
CA LEU B 280 -14.43 16.51 -7.81
C LEU B 280 -15.84 16.79 -7.29
N ILE B 281 -15.99 17.86 -6.52
CA ILE B 281 -17.28 18.22 -5.94
C ILE B 281 -18.27 18.63 -7.03
N ARG B 282 -17.80 19.37 -8.04
CA ARG B 282 -18.74 19.82 -9.08
C ARG B 282 -19.19 18.69 -9.99
N ALA B 283 -18.41 17.63 -10.12
CA ALA B 283 -18.79 16.44 -10.89
C ALA B 283 -18.77 15.24 -9.95
N PRO B 284 -19.76 15.12 -9.06
CA PRO B 284 -19.67 14.12 -7.99
C PRO B 284 -19.70 12.68 -8.47
N ASP B 285 -20.04 12.42 -9.73
CA ASP B 285 -19.90 11.08 -10.28
C ASP B 285 -18.44 10.63 -10.26
N SER B 286 -17.50 11.59 -10.36
CA SER B 286 -16.08 11.28 -10.30
C SER B 286 -15.65 10.69 -8.96
N LEU B 287 -16.51 10.72 -7.95
CA LEU B 287 -16.20 10.17 -6.64
C LEU B 287 -16.71 8.75 -6.44
N LYS B 288 -17.35 8.16 -7.45
CA LYS B 288 -17.91 6.82 -7.31
C LYS B 288 -16.95 5.73 -7.76
N ALA C 6 -18.38 -32.45 27.16
CA ALA C 6 -18.58 -31.42 26.14
C ALA C 6 -18.72 -30.04 26.80
N VAL C 7 -18.24 -29.00 26.12
CA VAL C 7 -18.30 -27.64 26.66
C VAL C 7 -18.85 -26.69 25.60
N LEU C 8 -19.32 -25.54 26.06
CA LEU C 8 -19.61 -24.40 25.22
C LEU C 8 -18.63 -23.31 25.61
N LYS C 9 -17.76 -22.91 24.70
CA LYS C 9 -16.69 -21.98 25.04
C LYS C 9 -17.14 -20.54 24.82
N PHE C 10 -16.70 -19.66 25.72
CA PHE C 10 -16.98 -18.24 25.60
C PHE C 10 -15.79 -17.56 24.93
N THR C 11 -16.09 -16.58 24.09
CA THR C 11 -15.03 -15.89 23.38
C THR C 11 -14.19 -15.09 24.38
N THR C 12 -12.88 -15.13 24.21
CA THR C 12 -12.00 -14.39 25.11
C THR C 12 -11.99 -12.93 24.71
N GLU C 13 -12.22 -12.04 25.66
CA GLU C 13 -12.20 -10.62 25.39
C GLU C 13 -10.77 -10.13 25.59
N ILE C 14 -10.25 -9.44 24.57
N ILE C 14 -10.25 -9.43 24.58
CA ILE C 14 -8.89 -8.92 24.56
CA ILE C 14 -8.87 -8.94 24.59
C ILE C 14 -8.94 -7.44 24.91
C ILE C 14 -8.89 -7.44 24.86
N HIS C 15 -8.01 -6.99 25.74
CA HIS C 15 -7.94 -5.57 26.03
C HIS C 15 -7.26 -4.84 24.87
N PRO C 16 -7.80 -3.70 24.42
CA PRO C 16 -7.24 -3.03 23.24
C PRO C 16 -5.77 -2.69 23.34
N SER C 17 -5.23 -2.53 24.55
CA SER C 17 -3.82 -2.22 24.69
C SER C 17 -2.93 -3.39 24.30
N CYS C 18 -3.49 -4.58 24.14
CA CYS C 18 -2.71 -5.76 23.80
C CYS C 18 -2.55 -5.96 22.30
N VAL C 19 -3.26 -5.19 21.47
CA VAL C 19 -3.29 -5.41 20.02
C VAL C 19 -2.61 -4.24 19.33
N THR C 20 -1.78 -4.55 18.33
CA THR C 20 -1.11 -3.54 17.50
C THR C 20 -1.36 -3.88 16.04
N ARG C 21 -2.10 -3.04 15.33
CA ARG C 21 -2.24 -3.24 13.89
C ARG C 21 -1.03 -2.62 13.19
N GLN C 22 -0.47 -3.35 12.23
CA GLN C 22 0.73 -2.90 11.55
C GLN C 22 0.52 -2.58 10.08
N LYS C 23 -0.36 -3.28 9.38
CA LYS C 23 -0.59 -3.07 7.96
C LYS C 23 -1.90 -3.73 7.57
N VAL C 24 -2.52 -3.21 6.51
CA VAL C 24 -3.70 -3.82 5.94
C VAL C 24 -3.29 -4.94 5.00
N ILE C 25 -3.93 -6.09 5.14
CA ILE C 25 -3.62 -7.24 4.30
C ILE C 25 -4.80 -7.70 3.43
N GLY C 26 -5.99 -7.13 3.62
CA GLY C 26 -7.10 -7.51 2.77
C GLY C 26 -8.35 -6.81 3.20
N ALA C 27 -9.42 -7.07 2.44
CA ALA C 27 -10.74 -6.52 2.72
C ALA C 27 -11.67 -7.69 2.99
N GLY C 28 -12.38 -7.64 4.12
CA GLY C 28 -13.30 -8.68 4.49
C GLY C 28 -14.74 -8.30 4.23
N GLU C 29 -15.63 -9.22 4.59
CA GLU C 29 -17.05 -8.98 4.44
C GLU C 29 -17.49 -7.79 5.29
N PHE C 30 -16.91 -7.64 6.48
CA PHE C 30 -17.34 -6.66 7.45
C PHE C 30 -16.40 -5.47 7.57
N GLY C 31 -15.30 -5.45 6.85
CA GLY C 31 -14.33 -4.38 6.98
C GLY C 31 -12.95 -4.86 6.57
N GLU C 32 -11.94 -4.10 6.98
CA GLU C 32 -10.58 -4.38 6.59
C GLU C 32 -9.95 -5.43 7.52
N VAL C 33 -8.94 -6.10 7.00
CA VAL C 33 -8.20 -7.11 7.75
C VAL C 33 -6.75 -6.66 7.81
N TYR C 34 -6.17 -6.73 8.99
CA TYR C 34 -4.82 -6.25 9.24
C TYR C 34 -3.95 -7.41 9.69
N LYS C 35 -2.66 -7.26 9.46
CA LYS C 35 -1.68 -8.05 10.16
C LYS C 35 -1.18 -7.19 11.31
N GLY C 36 -0.97 -7.83 12.45
CA GLY C 36 -0.52 -7.13 13.62
C GLY C 36 0.10 -8.06 14.64
N MET C 37 0.21 -7.56 15.87
CA MET C 37 0.83 -8.30 16.97
C MET C 37 -0.09 -8.27 18.18
N LEU C 38 -0.08 -9.37 18.93
CA LEU C 38 -0.88 -9.50 20.10
C LEU C 38 0.02 -9.84 21.25
N LYS C 39 -0.15 -9.15 22.36
CA LYS C 39 0.64 -9.40 23.55
C LYS C 39 -0.06 -10.40 24.46
N THR C 40 0.74 -11.21 25.12
CA THR C 40 0.24 -12.17 26.08
C THR C 40 1.25 -12.34 27.20
N GLY C 43 1.11 -11.59 28.29
CA GLY C 43 2.03 -11.69 29.42
C GLY C 43 3.39 -11.05 29.19
N LYS C 44 4.20 -11.71 28.35
CA LYS C 44 5.52 -11.25 27.99
C LYS C 44 5.89 -11.81 26.63
N LYS C 45 4.89 -12.16 25.86
CA LYS C 45 5.08 -12.72 24.53
C LYS C 45 4.33 -11.90 23.49
N GLU C 46 4.93 -11.74 22.31
CA GLU C 46 4.27 -11.02 21.22
C GLU C 46 4.14 -12.01 20.07
N VAL C 47 2.91 -12.19 19.58
CA VAL C 47 2.66 -13.16 18.52
C VAL C 47 2.00 -12.49 17.31
N PRO C 48 2.36 -12.88 16.09
CA PRO C 48 1.68 -12.30 14.92
C PRO C 48 0.25 -12.77 14.85
N VAL C 49 -0.64 -11.87 14.44
CA VAL C 49 -2.07 -12.17 14.36
C VAL C 49 -2.66 -11.50 13.13
N ALA C 50 -3.81 -12.02 12.73
CA ALA C 50 -4.67 -11.34 11.78
C ALA C 50 -5.78 -10.69 12.58
N ILE C 51 -6.16 -9.48 12.15
CA ILE C 51 -7.11 -8.66 12.88
C ILE C 51 -8.18 -8.23 11.89
N LYS C 52 -9.41 -8.69 12.11
CA LYS C 52 -10.55 -8.32 11.29
C LYS C 52 -11.31 -7.23 12.02
N THR C 53 -11.57 -6.13 11.33
CA THR C 53 -12.29 -5.00 11.92
C THR C 53 -13.65 -4.82 11.26
N LEU C 54 -14.52 -4.14 11.98
CA LEU C 54 -15.84 -3.80 11.51
C LEU C 54 -15.83 -2.37 10.97
N LYS C 55 -16.16 -2.23 9.69
CA LYS C 55 -16.19 -0.95 9.02
C LYS C 55 -17.08 0.06 9.71
N ALA C 56 -16.77 1.33 9.49
CA ALA C 56 -17.51 2.47 10.06
C ALA C 56 -18.93 2.52 9.52
N GLY C 57 -19.89 2.84 10.38
CA GLY C 57 -21.28 2.87 9.95
C GLY C 57 -21.89 1.50 9.76
N TYR C 58 -21.36 0.49 10.44
CA TYR C 58 -21.90 -0.86 10.29
C TYR C 58 -23.32 -0.90 10.84
N THR C 59 -24.12 -1.81 10.32
CA THR C 59 -25.47 -2.01 10.84
C THR C 59 -25.44 -2.94 12.06
N GLU C 60 -26.61 -3.10 12.66
CA GLU C 60 -26.75 -3.97 13.81
C GLU C 60 -26.73 -5.44 13.38
N LYS C 61 -27.11 -5.70 12.13
CA LYS C 61 -27.12 -7.06 11.61
C LYS C 61 -25.68 -7.50 11.28
N GLN C 62 -24.83 -6.53 10.95
CA GLN C 62 -23.46 -6.74 10.62
C GLN C 62 -22.64 -6.91 11.86
N ARG C 63 -23.03 -6.19 12.92
CA ARG C 63 -22.35 -6.31 14.21
C ARG C 63 -22.64 -7.68 14.80
N VAL C 64 -23.87 -8.17 14.61
CA VAL C 64 -24.27 -9.48 15.10
C VAL C 64 -23.59 -10.59 14.32
N ASP C 65 -23.60 -10.48 12.99
CA ASP C 65 -22.95 -11.51 12.17
C ASP C 65 -21.45 -11.52 12.39
N PHE C 66 -20.84 -10.34 12.54
CA PHE C 66 -19.39 -10.22 12.75
C PHE C 66 -18.98 -10.96 14.02
N LEU C 67 -19.57 -10.60 15.16
CA LEU C 67 -19.18 -11.26 16.40
C LEU C 67 -19.66 -12.71 16.46
N GLY C 68 -20.76 -13.05 15.79
CA GLY C 68 -21.23 -14.43 15.81
C GLY C 68 -20.25 -15.37 15.15
N GLU C 69 -19.53 -14.88 14.13
CA GLU C 69 -18.50 -15.65 13.45
C GLU C 69 -17.38 -16.02 14.40
N ALA C 70 -17.03 -15.11 15.31
CA ALA C 70 -16.03 -15.42 16.34
C ALA C 70 -16.56 -16.44 17.35
N GLY C 71 -17.85 -16.36 17.70
CA GLY C 71 -18.41 -17.32 18.64
C GLY C 71 -18.33 -18.76 18.13
N ILE C 72 -18.65 -18.96 16.85
CA ILE C 72 -18.55 -20.29 16.27
C ILE C 72 -17.11 -20.75 16.24
N MET C 73 -16.21 -19.91 15.71
CA MET C 73 -14.81 -20.28 15.58
C MET C 73 -14.19 -20.64 16.93
N GLY C 74 -14.62 -19.97 18.00
CA GLY C 74 -14.06 -20.20 19.32
C GLY C 74 -14.37 -21.57 19.89
N GLN C 75 -15.28 -22.30 19.28
CA GLN C 75 -15.60 -23.63 19.78
C GLN C 75 -14.60 -24.68 19.34
N PHE C 76 -13.75 -24.35 18.37
CA PHE C 76 -12.88 -25.34 17.74
C PHE C 76 -11.45 -25.20 18.21
N SER C 77 -10.78 -26.35 18.29
CA SER C 77 -9.37 -26.40 18.66
C SER C 77 -8.77 -27.56 17.86
N HIS C 78 -8.28 -27.24 16.65
CA HIS C 78 -7.71 -28.26 15.79
C HIS C 78 -6.64 -27.61 14.90
N HIS C 79 -5.59 -28.40 14.62
CA HIS C 79 -4.44 -27.94 13.83
C HIS C 79 -4.85 -27.38 12.48
N ASN C 80 -5.92 -27.90 11.88
CA ASN C 80 -6.34 -27.50 10.54
C ASN C 80 -7.60 -26.63 10.55
N ILE C 81 -7.89 -25.97 11.67
CA ILE C 81 -8.97 -24.99 11.80
C ILE C 81 -8.35 -23.71 12.34
N ILE C 82 -8.64 -22.58 11.68
CA ILE C 82 -8.04 -21.32 12.09
C ILE C 82 -8.33 -21.08 13.58
N ARG C 83 -7.28 -20.71 14.33
CA ARG C 83 -7.39 -20.53 15.77
C ARG C 83 -7.81 -19.10 16.10
N LEU C 84 -8.84 -18.97 16.95
CA LEU C 84 -9.29 -17.66 17.43
C LEU C 84 -8.51 -17.27 18.68
N GLU C 85 -7.86 -16.12 18.66
CA GLU C 85 -7.19 -15.63 19.86
C GLU C 85 -8.18 -14.94 20.81
N GLY C 86 -9.11 -14.18 20.25
CA GLY C 86 -10.08 -13.49 21.06
C GLY C 86 -10.74 -12.38 20.25
N VAL C 87 -11.54 -11.57 20.94
CA VAL C 87 -12.27 -10.48 20.31
C VAL C 87 -12.15 -9.21 21.15
N ILE C 88 -12.35 -8.08 20.48
CA ILE C 88 -12.54 -6.79 21.12
C ILE C 88 -13.94 -6.35 20.75
N SER C 89 -14.85 -6.38 21.74
CA SER C 89 -16.24 -6.02 21.51
C SER C 89 -16.67 -4.74 22.22
N LYS C 90 -15.95 -4.31 23.26
CA LYS C 90 -16.34 -3.17 24.08
C LYS C 90 -15.81 -1.82 23.58
N TYR C 91 -15.00 -1.77 22.53
CA TYR C 91 -14.38 -0.54 22.03
C TYR C 91 -14.60 -0.51 20.52
N LYS C 92 -14.36 0.64 19.89
CA LYS C 92 -14.59 0.75 18.46
C LYS C 92 -13.34 1.23 17.76
N PRO C 93 -12.81 0.42 16.84
CA PRO C 93 -13.51 -0.54 16.00
C PRO C 93 -13.40 -1.90 16.65
N MET C 94 -14.46 -2.68 16.47
CA MET C 94 -14.51 -4.02 17.02
C MET C 94 -13.61 -4.91 16.18
N MET C 95 -13.03 -5.91 16.82
CA MET C 95 -12.02 -6.73 16.16
C MET C 95 -12.21 -8.20 16.49
N ILE C 96 -11.85 -9.04 15.52
CA ILE C 96 -11.72 -10.48 15.71
C ILE C 96 -10.26 -10.78 15.42
N ILE C 97 -9.58 -11.43 16.36
CA ILE C 97 -8.14 -11.65 16.29
C ILE C 97 -7.88 -13.14 16.19
N THR C 98 -7.19 -13.56 15.14
CA THR C 98 -6.90 -14.97 14.88
C THR C 98 -5.41 -15.16 14.64
N GLU C 99 -4.98 -16.41 14.53
CA GLU C 99 -3.60 -16.67 14.14
C GLU C 99 -3.39 -16.16 12.72
N TYR C 100 -2.15 -15.78 12.43
CA TYR C 100 -1.79 -15.21 11.13
C TYR C 100 -1.35 -16.29 10.15
N MET C 101 -1.85 -16.20 8.92
CA MET C 101 -1.55 -17.19 7.87
C MET C 101 -0.82 -16.46 6.75
N GLU C 102 0.51 -16.45 6.84
N GLU C 102 0.49 -16.48 6.82
CA GLU C 102 1.38 -15.75 5.88
CA GLU C 102 1.35 -15.79 5.87
C GLU C 102 1.12 -15.95 4.39
C GLU C 102 1.07 -15.95 4.39
N ASN C 103 0.63 -17.11 3.97
CA ASN C 103 0.42 -17.37 2.55
C ASN C 103 -1.00 -17.09 2.05
N GLY C 104 -1.91 -16.64 2.92
CA GLY C 104 -3.22 -16.24 2.45
C GLY C 104 -4.11 -17.36 1.95
N ALA C 105 -5.06 -16.99 1.08
CA ALA C 105 -6.06 -17.91 0.56
C ALA C 105 -5.43 -18.94 -0.37
N LEU C 106 -5.87 -20.20 -0.22
CA LEU C 106 -5.26 -21.32 -0.93
C LEU C 106 -5.41 -21.19 -2.45
N ASP C 107 -6.58 -20.74 -2.93
CA ASP C 107 -6.78 -20.68 -4.38
C ASP C 107 -5.84 -19.67 -5.03
N LYS C 108 -5.66 -18.50 -4.42
CA LYS C 108 -4.72 -17.52 -4.96
C LYS C 108 -3.29 -18.00 -4.82
N PHE C 109 -2.96 -18.63 -3.68
CA PHE C 109 -1.61 -19.15 -3.46
C PHE C 109 -1.23 -20.16 -4.55
N LEU C 110 -2.13 -21.11 -4.84
CA LEU C 110 -1.79 -22.12 -5.82
C LEU C 110 -1.67 -21.53 -7.21
N ARG C 111 -2.49 -20.52 -7.53
CA ARG C 111 -2.36 -19.91 -8.85
C ARG C 111 -0.98 -19.26 -9.06
N GLU C 112 -0.47 -18.69 -8.01
CA GLU C 112 0.83 -18.07 -8.03
C GLU C 112 1.96 -19.06 -8.12
N LYS C 113 1.78 -20.22 -7.55
CA LYS C 113 2.79 -21.25 -7.54
C LYS C 113 2.49 -22.40 -8.48
N ASP C 114 1.86 -22.10 -9.58
CA ASP C 114 1.42 -23.07 -10.57
C ASP C 114 2.52 -24.06 -10.94
N GLY C 115 2.23 -25.34 -10.72
CA GLY C 115 3.15 -26.40 -11.06
C GLY C 115 4.36 -26.56 -10.19
N GLU C 116 4.43 -25.86 -9.05
CA GLU C 116 5.66 -25.86 -8.25
C GLU C 116 5.67 -26.86 -7.11
N PHE C 117 4.60 -27.62 -6.89
CA PHE C 117 4.61 -28.56 -5.79
C PHE C 117 4.57 -29.97 -6.34
N SER C 118 5.09 -30.91 -5.55
CA SER C 118 4.93 -32.30 -5.90
C SER C 118 3.51 -32.73 -5.62
N VAL C 119 3.08 -33.81 -6.29
CA VAL C 119 1.74 -34.33 -6.03
C VAL C 119 1.61 -34.72 -4.57
N LEU C 120 2.68 -35.25 -3.97
CA LEU C 120 2.64 -35.62 -2.56
C LEU C 120 2.35 -34.41 -1.69
N GLN C 121 2.97 -33.27 -2.00
CA GLN C 121 2.69 -32.04 -1.25
C GLN C 121 1.24 -31.61 -1.42
N LEU C 122 0.71 -31.66 -2.65
CA LEU C 122 -0.68 -31.27 -2.86
C LEU C 122 -1.62 -32.20 -2.10
N VAL C 123 -1.33 -33.50 -2.11
CA VAL C 123 -2.19 -34.42 -1.37
C VAL C 123 -2.08 -34.18 0.12
N GLY C 124 -0.90 -33.76 0.61
CA GLY C 124 -0.79 -33.41 2.02
C GLY C 124 -1.63 -32.22 2.41
N MET C 125 -1.78 -31.25 1.50
CA MET C 125 -2.68 -30.13 1.76
C MET C 125 -4.12 -30.62 1.84
N LEU C 126 -4.50 -31.51 0.93
CA LEU C 126 -5.85 -32.06 0.95
C LEU C 126 -6.08 -32.87 2.22
N ARG C 127 -5.05 -33.58 2.68
CA ARG C 127 -5.21 -34.36 3.92
C ARG C 127 -5.44 -33.44 5.11
N GLY C 128 -4.72 -32.32 5.18
CA GLY C 128 -4.93 -31.36 6.25
C GLY C 128 -6.33 -30.77 6.22
N ILE C 129 -6.81 -30.39 5.04
CA ILE C 129 -8.16 -29.87 4.92
C ILE C 129 -9.16 -30.92 5.36
N ALA C 130 -8.97 -32.17 4.90
CA ALA C 130 -9.91 -33.22 5.28
C ALA C 130 -9.89 -33.46 6.78
N ALA C 131 -8.71 -33.37 7.41
CA ALA C 131 -8.62 -33.57 8.85
C ALA C 131 -9.38 -32.49 9.60
N GLY C 132 -9.28 -31.24 9.15
CA GLY C 132 -10.10 -30.21 9.76
C GLY C 132 -11.57 -30.44 9.55
N MET C 133 -11.96 -30.88 8.34
CA MET C 133 -13.37 -31.15 8.09
C MET C 133 -13.86 -32.35 8.87
N LYS C 134 -13.02 -33.36 9.06
CA LYS C 134 -13.40 -34.51 9.89
C LYS C 134 -13.67 -34.07 11.32
N TYR C 135 -12.83 -33.17 11.84
CA TYR C 135 -13.04 -32.63 13.17
C TYR C 135 -14.35 -31.86 13.26
N LEU C 136 -14.64 -31.03 12.25
CA LEU C 136 -15.89 -30.26 12.26
C LEU C 136 -17.10 -31.17 12.20
N ALA C 137 -17.07 -32.16 11.28
CA ALA C 137 -18.21 -33.07 11.17
C ALA C 137 -18.43 -33.82 12.46
N ASN C 138 -17.34 -34.14 13.19
CA ASN C 138 -17.47 -34.84 14.45
C ASN C 138 -18.09 -33.98 15.55
N MET C 139 -18.02 -32.66 15.41
CA MET C 139 -18.71 -31.72 16.31
C MET C 139 -20.11 -31.38 15.82
N ASN C 140 -20.57 -32.04 14.75
CA ASN C 140 -21.87 -31.73 14.14
C ASN C 140 -21.95 -30.31 13.61
N TYR C 141 -20.83 -29.78 13.12
CA TYR C 141 -20.83 -28.47 12.47
C TYR C 141 -20.77 -28.68 10.96
N VAL C 142 -21.74 -28.08 10.27
CA VAL C 142 -21.81 -28.08 8.81
C VAL C 142 -21.32 -26.73 8.31
N HIS C 143 -20.25 -26.74 7.52
CA HIS C 143 -19.60 -25.49 7.11
C HIS C 143 -20.45 -24.73 6.10
N ARG C 144 -20.94 -25.42 5.06
CA ARG C 144 -21.80 -24.87 4.00
C ARG C 144 -21.08 -24.00 2.98
N ASP C 145 -19.83 -23.64 3.24
CA ASP C 145 -19.12 -22.72 2.36
C ASP C 145 -17.68 -23.19 2.14
N LEU C 146 -17.48 -24.50 2.04
CA LEU C 146 -16.13 -25.03 1.83
C LEU C 146 -15.69 -24.78 0.39
N ALA C 147 -14.57 -24.10 0.22
CA ALA C 147 -14.01 -23.74 -1.07
C ALA C 147 -12.57 -23.32 -0.84
N ALA C 148 -11.73 -23.42 -1.87
CA ALA C 148 -10.31 -23.11 -1.66
C ALA C 148 -10.12 -21.66 -1.23
N ARG C 149 -11.01 -20.76 -1.63
CA ARG C 149 -10.90 -19.37 -1.20
C ARG C 149 -11.13 -19.21 0.31
N ASN C 150 -11.74 -20.21 0.97
CA ASN C 150 -11.96 -20.16 2.41
C ASN C 150 -10.97 -21.01 3.19
N ILE C 151 -9.90 -21.47 2.54
CA ILE C 151 -8.81 -22.19 3.20
C ILE C 151 -7.60 -21.26 3.21
N LEU C 152 -6.97 -21.11 4.37
CA LEU C 152 -5.77 -20.30 4.51
C LEU C 152 -4.53 -21.17 4.66
N VAL C 153 -3.38 -20.62 4.25
CA VAL C 153 -2.12 -21.34 4.23
C VAL C 153 -1.08 -20.56 5.02
N ASN C 154 -0.36 -21.25 5.91
CA ASN C 154 0.68 -20.65 6.71
C ASN C 154 2.05 -20.88 6.06
N SER C 155 3.10 -20.40 6.74
CA SER C 155 4.45 -20.47 6.16
C SER C 155 4.93 -21.90 5.97
N ASN C 156 4.43 -22.84 6.76
CA ASN C 156 4.83 -24.23 6.64
C ASN C 156 3.92 -25.01 5.71
N LEU C 157 3.09 -24.31 4.93
CA LEU C 157 2.18 -24.89 3.96
C LEU C 157 1.01 -25.64 4.59
N VAL C 158 0.77 -25.43 5.88
CA VAL C 158 -0.37 -26.05 6.55
C VAL C 158 -1.62 -25.31 6.12
N CYS C 159 -2.62 -26.06 5.68
CA CYS C 159 -3.87 -25.52 5.24
C CYS C 159 -4.90 -25.61 6.35
N LYS C 160 -5.62 -24.52 6.59
CA LYS C 160 -6.60 -24.47 7.66
C LYS C 160 -7.93 -23.91 7.19
N VAL C 161 -9.02 -24.55 7.59
CA VAL C 161 -10.34 -24.11 7.24
C VAL C 161 -10.68 -22.82 7.96
N SER C 162 -11.26 -21.87 7.24
CA SER C 162 -11.64 -20.58 7.82
C SER C 162 -13.03 -20.14 7.35
N ASP C 163 -13.36 -18.87 7.60
CA ASP C 163 -14.64 -18.27 7.22
C ASP C 163 -15.87 -19.02 7.75
N PHE C 164 -16.16 -18.85 9.03
CA PHE C 164 -17.28 -19.54 9.66
C PHE C 164 -18.51 -18.68 9.97
N GLY C 165 -18.83 -17.72 9.10
CA GLY C 165 -19.99 -16.89 9.32
C GLY C 165 -21.20 -17.06 8.42
N LEU C 166 -22.29 -16.40 8.77
CA LEU C 166 -23.53 -16.39 7.98
C LEU C 166 -23.80 -15.00 7.49
N PRO C 186 -22.82 -19.25 -4.33
CA PRO C 186 -21.66 -20.15 -4.43
C PRO C 186 -21.96 -21.46 -5.15
N ILE C 187 -22.85 -21.41 -6.14
CA ILE C 187 -23.46 -22.61 -6.71
C ILE C 187 -22.42 -23.67 -7.05
N ARG C 188 -21.32 -23.23 -7.64
CA ARG C 188 -20.24 -24.12 -8.10
C ARG C 188 -19.64 -25.10 -7.08
N TRP C 189 -19.77 -24.80 -5.80
CA TRP C 189 -19.22 -25.66 -4.76
C TRP C 189 -20.27 -26.45 -4.00
N THR C 190 -21.54 -26.25 -4.29
CA THR C 190 -22.63 -26.75 -3.46
C THR C 190 -23.26 -28.01 -4.06
N ALA C 191 -23.56 -28.97 -3.19
CA ALA C 191 -24.15 -30.22 -3.64
C ALA C 191 -25.55 -29.97 -4.22
N PRO C 192 -25.98 -30.79 -5.18
CA PRO C 192 -27.30 -30.56 -5.79
C PRO C 192 -28.46 -30.55 -4.80
N GLU C 193 -28.45 -31.45 -3.81
CA GLU C 193 -29.56 -31.47 -2.86
C GLU C 193 -29.55 -30.24 -1.95
N ALA C 194 -28.38 -29.65 -1.71
CA ALA C 194 -28.33 -28.41 -0.93
C ALA C 194 -28.79 -27.22 -1.74
N ILE C 195 -28.57 -27.26 -3.06
CA ILE C 195 -29.06 -26.18 -3.93
C ILE C 195 -30.57 -26.27 -4.08
N SER C 196 -31.08 -27.47 -4.40
CA SER C 196 -32.48 -27.63 -4.73
C SER C 196 -33.37 -27.57 -3.50
N TYR C 197 -32.99 -28.25 -2.42
CA TYR C 197 -33.85 -28.41 -1.27
C TYR C 197 -33.29 -27.78 0.01
N ARG C 198 -32.21 -27.02 -0.08
CA ARG C 198 -31.66 -26.35 1.09
C ARG C 198 -31.27 -27.37 2.18
N LYS C 199 -30.97 -28.60 1.76
CA LYS C 199 -30.54 -29.68 2.66
C LYS C 199 -29.01 -29.64 2.78
N PHE C 200 -28.52 -28.98 3.84
CA PHE C 200 -27.10 -28.89 4.13
C PHE C 200 -26.70 -29.88 5.21
N THR C 201 -25.81 -30.82 4.87
CA THR C 201 -25.32 -31.80 5.81
C THR C 201 -23.81 -31.92 5.65
N SER C 202 -23.19 -32.77 6.47
CA SER C 202 -21.78 -33.06 6.27
C SER C 202 -21.54 -33.68 4.90
N ALA C 203 -22.54 -34.40 4.39
CA ALA C 203 -22.41 -35.01 3.07
C ALA C 203 -22.42 -33.98 1.96
N SER C 204 -23.10 -32.85 2.17
CA SER C 204 -22.99 -31.77 1.19
C SER C 204 -21.66 -31.06 1.30
N ASP C 205 -21.05 -31.04 2.50
CA ASP C 205 -19.70 -30.52 2.62
C ASP C 205 -18.70 -31.44 1.91
N VAL C 206 -18.95 -32.75 1.92
CA VAL C 206 -18.06 -33.68 1.22
C VAL C 206 -18.05 -33.40 -0.28
N TRP C 207 -19.22 -33.09 -0.85
CA TRP C 207 -19.28 -32.68 -2.24
C TRP C 207 -18.39 -31.45 -2.47
N SER C 208 -18.51 -30.46 -1.59
CA SER C 208 -17.69 -29.26 -1.70
C SER C 208 -16.21 -29.61 -1.60
N PHE C 209 -15.88 -30.53 -0.70
CA PHE C 209 -14.48 -30.94 -0.57
C PHE C 209 -13.95 -31.54 -1.87
N GLY C 210 -14.80 -32.29 -2.59
CA GLY C 210 -14.38 -32.80 -3.89
C GLY C 210 -14.07 -31.68 -4.87
N ILE C 211 -14.85 -30.60 -4.83
CA ILE C 211 -14.54 -29.44 -5.67
C ILE C 211 -13.21 -28.84 -5.23
N VAL C 212 -12.98 -28.75 -3.92
CA VAL C 212 -11.70 -28.24 -3.41
C VAL C 212 -10.55 -29.12 -3.89
N MET C 213 -10.75 -30.44 -3.87
CA MET C 213 -9.72 -31.32 -4.42
C MET C 213 -9.40 -30.94 -5.87
N TRP C 214 -10.44 -30.67 -6.64
CA TRP C 214 -10.23 -30.29 -8.04
C TRP C 214 -9.51 -28.95 -8.14
N GLU C 215 -9.88 -27.99 -7.28
CA GLU C 215 -9.19 -26.71 -7.27
C GLU C 215 -7.72 -26.89 -6.95
N VAL C 216 -7.41 -27.75 -5.99
CA VAL C 216 -6.02 -27.96 -5.60
C VAL C 216 -5.24 -28.61 -6.74
N MET C 217 -5.79 -29.69 -7.32
CA MET C 217 -5.04 -30.43 -8.33
C MET C 217 -4.88 -29.67 -9.65
N THR C 218 -5.69 -28.64 -9.89
CA THR C 218 -5.55 -27.79 -11.06
C THR C 218 -4.79 -26.51 -10.75
N TYR C 219 -4.27 -26.37 -9.53
CA TYR C 219 -3.59 -25.14 -9.11
C TYR C 219 -4.49 -23.91 -9.21
N GLY C 220 -5.72 -24.06 -8.74
CA GLY C 220 -6.61 -22.92 -8.62
C GLY C 220 -7.42 -22.56 -9.84
N GLU C 221 -7.68 -23.51 -10.74
CA GLU C 221 -8.59 -23.22 -11.84
C GLU C 221 -9.99 -23.02 -11.30
N ARG C 222 -10.77 -22.26 -12.03
CA ARG C 222 -12.10 -22.00 -11.52
C ARG C 222 -13.05 -23.15 -11.89
N PRO C 223 -13.75 -23.74 -10.91
CA PRO C 223 -14.62 -24.88 -11.22
C PRO C 223 -15.65 -24.52 -12.29
N TYR C 224 -15.77 -25.41 -13.28
CA TYR C 224 -16.70 -25.22 -14.40
C TYR C 224 -16.30 -24.07 -15.31
N TRP C 225 -15.08 -23.59 -15.15
CA TRP C 225 -14.58 -22.47 -15.92
C TRP C 225 -15.53 -21.31 -16.04
N GLU C 226 -15.72 -20.80 -17.24
CA GLU C 226 -16.57 -19.63 -17.39
C GLU C 226 -18.03 -19.93 -17.36
N LEU C 227 -18.37 -21.18 -17.65
CA LEU C 227 -19.75 -21.65 -17.68
C LEU C 227 -20.64 -20.93 -16.70
N SER C 228 -21.83 -20.57 -17.16
CA SER C 228 -22.82 -19.89 -16.32
C SER C 228 -23.44 -20.74 -15.28
N ASN C 229 -23.75 -20.12 -14.17
CA ASN C 229 -24.38 -20.84 -13.06
C ASN C 229 -25.54 -21.70 -13.51
N HIS C 230 -26.29 -21.26 -14.53
CA HIS C 230 -27.44 -22.03 -14.98
C HIS C 230 -27.03 -23.30 -15.71
N GLU C 231 -26.00 -23.21 -16.57
CA GLU C 231 -25.50 -24.41 -17.23
C GLU C 231 -24.82 -25.36 -16.24
N VAL C 232 -24.15 -24.83 -15.21
CA VAL C 232 -23.52 -25.68 -14.20
C VAL C 232 -24.57 -26.56 -13.55
N MET C 233 -25.61 -25.91 -13.04
CA MET C 233 -26.70 -26.62 -12.36
C MET C 233 -27.37 -27.63 -13.28
N LYS C 234 -27.39 -27.32 -14.57
CA LYS C 234 -28.01 -28.18 -15.57
C LYS C 234 -27.08 -29.37 -15.88
N ALA C 235 -25.79 -29.09 -16.09
CA ALA C 235 -24.81 -30.14 -16.39
C ALA C 235 -24.73 -31.17 -15.28
N ILE C 236 -24.67 -30.72 -14.02
CA ILE C 236 -24.53 -31.64 -12.90
C ILE C 236 -25.72 -32.57 -12.79
N ASN C 237 -26.94 -32.03 -12.91
CA ASN C 237 -28.12 -32.87 -12.86
C ASN C 237 -28.11 -33.91 -13.99
N ASP C 238 -27.49 -33.57 -15.12
CA ASP C 238 -27.42 -34.50 -16.23
C ASP C 238 -26.31 -35.54 -16.06
N GLY C 239 -25.50 -35.43 -15.02
CA GLY C 239 -24.42 -36.36 -14.80
C GLY C 239 -23.05 -35.85 -15.18
N PHE C 240 -22.93 -34.59 -15.60
CA PHE C 240 -21.62 -34.04 -15.93
C PHE C 240 -20.81 -33.84 -14.65
N ARG C 241 -19.52 -34.12 -14.75
CA ARG C 241 -18.59 -33.93 -13.65
C ARG C 241 -17.31 -33.31 -14.21
N LEU C 242 -16.62 -32.54 -13.37
CA LEU C 242 -15.37 -31.92 -13.80
C LEU C 242 -14.39 -33.01 -14.25
N PRO C 243 -13.59 -32.74 -15.29
CA PRO C 243 -12.69 -33.77 -15.83
C PRO C 243 -11.42 -33.94 -14.99
N THR C 244 -10.69 -35.00 -15.29
CA THR C 244 -9.46 -35.28 -14.56
C THR C 244 -8.43 -34.20 -14.84
N PRO C 245 -7.86 -33.57 -13.82
CA PRO C 245 -6.79 -32.59 -14.07
C PRO C 245 -5.53 -33.28 -14.57
N MET C 246 -4.72 -32.52 -15.31
CA MET C 246 -3.47 -33.08 -15.81
C MET C 246 -2.60 -33.55 -14.64
N ASP C 247 -2.03 -34.74 -14.78
CA ASP C 247 -1.13 -35.34 -13.80
C ASP C 247 -1.83 -35.76 -12.50
N CYS C 248 -3.15 -35.73 -12.46
CA CYS C 248 -3.84 -36.08 -11.23
C CYS C 248 -3.84 -37.60 -11.07
N PRO C 249 -3.42 -38.12 -9.93
CA PRO C 249 -3.47 -39.59 -9.73
C PRO C 249 -4.88 -40.11 -9.90
N SER C 250 -4.96 -41.33 -10.44
CA SER C 250 -6.25 -41.95 -10.66
C SER C 250 -7.03 -42.08 -9.36
N ALA C 251 -6.34 -42.48 -8.27
CA ALA C 251 -7.04 -42.64 -7.00
C ALA C 251 -7.60 -41.31 -6.50
N ILE C 252 -6.90 -40.21 -6.74
CA ILE C 252 -7.38 -38.91 -6.29
C ILE C 252 -8.59 -38.48 -7.09
N TYR C 253 -8.55 -38.67 -8.42
CA TYR C 253 -9.70 -38.31 -9.22
C TYR C 253 -10.89 -39.18 -8.91
N GLN C 254 -10.67 -40.49 -8.69
CA GLN C 254 -11.80 -41.33 -8.33
C GLN C 254 -12.39 -40.93 -6.98
N LEU C 255 -11.55 -40.45 -6.06
CA LEU C 255 -12.06 -39.95 -4.80
C LEU C 255 -12.94 -38.71 -5.02
N MET C 256 -12.52 -37.79 -5.88
CA MET C 256 -13.39 -36.66 -6.24
C MET C 256 -14.72 -37.16 -6.77
N MET C 257 -14.68 -38.15 -7.67
CA MET C 257 -15.91 -38.67 -8.25
C MET C 257 -16.82 -39.27 -7.18
N GLN C 258 -16.23 -39.92 -6.17
CA GLN C 258 -17.04 -40.44 -5.06
C GLN C 258 -17.64 -39.31 -4.25
N CYS C 259 -16.91 -38.20 -4.09
CA CYS C 259 -17.47 -37.05 -3.39
C CYS C 259 -18.63 -36.44 -4.16
N TRP C 260 -18.64 -36.60 -5.48
CA TRP C 260 -19.66 -36.02 -6.34
C TRP C 260 -20.75 -37.01 -6.71
N GLN C 261 -21.00 -38.01 -5.90
CA GLN C 261 -22.07 -38.94 -6.21
C GLN C 261 -23.37 -38.18 -6.03
N GLN C 262 -24.29 -38.35 -6.95
CA GLN C 262 -25.55 -37.62 -6.89
C GLN C 262 -26.31 -37.93 -5.61
N GLU C 263 -26.37 -39.20 -5.22
CA GLU C 263 -27.05 -39.61 -3.99
C GLU C 263 -26.07 -39.45 -2.83
N ARG C 264 -26.40 -38.53 -1.93
CA ARG C 264 -25.49 -38.15 -0.84
C ARG C 264 -25.13 -39.32 0.07
N ALA C 265 -26.02 -40.32 0.24
CA ALA C 265 -25.75 -41.40 1.17
C ALA C 265 -24.56 -42.23 0.74
N ARG C 266 -24.24 -42.11 -0.54
CA ARG C 266 -23.15 -42.82 -1.18
C ARG C 266 -21.80 -42.10 -1.14
N ARG C 267 -21.76 -40.85 -0.69
CA ARG C 267 -20.49 -40.16 -0.66
C ARG C 267 -19.71 -40.66 0.55
N PRO C 268 -18.38 -40.65 0.48
CA PRO C 268 -17.61 -41.06 1.65
C PRO C 268 -17.78 -40.04 2.77
N LYS C 269 -17.52 -40.49 4.00
CA LYS C 269 -17.48 -39.58 5.13
C LYS C 269 -16.09 -38.96 5.18
N PHE C 270 -15.96 -37.86 5.91
CA PHE C 270 -14.64 -37.26 6.03
C PHE C 270 -13.65 -38.19 6.69
N ALA C 271 -14.09 -39.04 7.62
CA ALA C 271 -13.19 -40.02 8.21
C ALA C 271 -12.67 -40.99 7.16
N ASP C 272 -13.54 -41.38 6.21
CA ASP C 272 -13.11 -42.23 5.11
C ASP C 272 -12.10 -41.51 4.24
N ILE C 273 -12.34 -40.23 3.95
CA ILE C 273 -11.43 -39.45 3.12
C ILE C 273 -10.05 -39.37 3.77
N VAL C 274 -10.02 -39.03 5.07
CA VAL C 274 -8.74 -38.96 5.78
C VAL C 274 -8.01 -40.29 5.72
N SER C 275 -8.75 -41.40 5.91
CA SER C 275 -8.10 -42.71 5.87
C SER C 275 -7.55 -43.02 4.48
N ILE C 276 -8.32 -42.74 3.43
CA ILE C 276 -7.86 -42.99 2.06
C ILE C 276 -6.63 -42.15 1.74
N LEU C 277 -6.68 -40.85 2.07
CA LEU C 277 -5.53 -40.00 1.76
C LEU C 277 -4.28 -40.48 2.49
N ASP C 278 -4.44 -40.93 3.74
CA ASP C 278 -3.30 -41.45 4.49
C ASP C 278 -2.71 -42.69 3.82
N LYS C 279 -3.57 -43.56 3.28
CA LYS C 279 -3.05 -44.74 2.59
C LYS C 279 -2.27 -44.36 1.33
N LEU C 280 -2.78 -43.39 0.57
CA LEU C 280 -2.06 -42.95 -0.62
C LEU C 280 -0.71 -42.35 -0.26
N ILE C 281 -0.67 -41.55 0.80
CA ILE C 281 0.60 -40.97 1.23
C ILE C 281 1.58 -42.06 1.68
N ARG C 282 1.08 -43.13 2.30
CA ARG C 282 1.95 -44.23 2.72
C ARG C 282 2.37 -45.14 1.57
N ALA C 283 1.70 -45.06 0.41
CA ALA C 283 2.08 -45.80 -0.80
C ALA C 283 2.39 -44.77 -1.88
N PRO C 284 3.47 -44.00 -1.71
CA PRO C 284 3.67 -42.81 -2.56
C PRO C 284 3.78 -43.07 -4.05
N ASP C 285 4.12 -44.29 -4.49
CA ASP C 285 4.15 -44.54 -5.93
C ASP C 285 2.78 -44.37 -6.57
N SER C 286 1.70 -44.54 -5.80
CA SER C 286 0.36 -44.33 -6.33
C SER C 286 0.11 -42.87 -6.69
N LEU C 287 0.99 -41.96 -6.28
CA LEU C 287 0.84 -40.54 -6.58
C LEU C 287 1.82 -40.06 -7.64
N LYS C 288 2.62 -40.98 -8.17
CA LYS C 288 3.61 -40.63 -9.17
C LYS C 288 3.06 -40.40 -10.59
N THR C 289 3.72 -39.49 -11.30
CA THR C 289 3.36 -39.14 -12.67
C THR C 289 4.45 -39.67 -13.60
N LEU C 290 4.24 -39.48 -14.90
CA LEU C 290 5.22 -39.96 -15.89
C LEU C 290 6.57 -39.29 -15.66
N ALA C 291 6.56 -38.00 -15.30
CA ALA C 291 7.80 -37.27 -15.09
C ALA C 291 8.65 -37.91 -13.98
N ASP C 292 8.01 -38.61 -13.04
CA ASP C 292 8.76 -39.26 -11.97
C ASP C 292 9.51 -40.50 -12.43
N PHE C 293 9.19 -41.03 -13.60
CA PHE C 293 9.85 -42.24 -14.07
C PHE C 293 10.86 -41.97 -15.17
N ASP C 294 10.80 -40.78 -15.76
CA ASP C 294 11.71 -40.41 -16.83
C ASP C 294 11.81 -38.89 -17.01
N PRO C 295 12.80 -38.27 -16.35
CA PRO C 295 13.03 -36.83 -16.42
C PRO C 295 13.52 -36.39 -17.79
N ARG C 296 12.63 -36.41 -18.78
CA ARG C 296 12.99 -36.01 -20.14
C ARG C 296 11.79 -35.40 -20.87
CAC DXK D . 14.74 7.55 -24.67
CAE DXK D . 14.66 6.71 -25.78
CAF DXK D . 15.68 6.74 -26.73
NAD DXK D . 16.77 7.61 -26.56
CAB DXK D . 16.82 8.47 -25.44
CAA DXK D . 15.81 8.42 -24.48
C2 DXK D . 15.84 9.26 -23.36
N1 DXK D . 14.74 9.33 -22.60
N3 DXK D . 16.93 9.98 -23.05
C4 DXK D . 16.91 10.78 -21.97
NAM DXK D . 17.85 11.59 -21.46
CAQ DXK D . 19.20 11.74 -22.04
NAN DXK D . 17.37 12.18 -20.40
CAO DXK D . 16.12 11.72 -20.21
C5 DXK D . 15.82 10.87 -21.21
C6 DXK D . 14.74 10.13 -21.53
NAP DXK D . 13.65 10.20 -20.76
C1 EDO E . 17.91 -14.28 0.79
O1 EDO E . 19.05 -14.10 -0.07
C2 EDO E . 17.76 -13.12 1.76
O2 EDO E . 18.97 -12.35 1.82
C1 EDO F . 2.47 9.78 -7.33
O1 EDO F . 2.17 11.19 -7.40
C2 EDO F . 2.11 9.27 -5.93
O2 EDO F . 2.16 7.83 -5.91
C1 EDO G . 4.19 -3.87 -17.59
O1 EDO G . 5.59 -4.00 -17.30
C2 EDO G . 3.45 -3.65 -16.28
O2 EDO G . 3.89 -4.64 -15.34
C1 EDO H . 7.02 -23.90 -12.60
O1 EDO H . 5.97 -23.95 -13.57
C2 EDO H . 7.34 -22.45 -12.28
O2 EDO H . 8.72 -22.31 -11.95
C1 EDO I . 15.87 4.86 -21.64
O1 EDO I . 14.55 5.41 -21.79
C2 EDO I . 16.31 4.20 -22.94
O2 EDO I . 15.54 3.02 -23.17
C1 EDO J . 54.98 -2.38 -4.48
O1 EDO J . 54.44 -1.50 -3.49
C2 EDO J . 55.30 -1.58 -5.74
O2 EDO J . 54.28 -0.59 -5.96
C1 EDO K . 0.17 0.49 -10.73
O1 EDO K . 0.46 -0.88 -10.48
C2 EDO K . -0.31 0.63 -12.18
O2 EDO K . 0.72 0.18 -13.06
C1 EDO L . 4.25 -14.86 -7.90
O1 EDO L . 2.84 -14.86 -8.19
C2 EDO L . 4.46 -15.19 -6.43
O2 EDO L . 5.73 -15.84 -6.26
C1 EDO M . 27.81 7.37 -2.88
O1 EDO M . 26.94 6.79 -3.86
C2 EDO M . 29.02 6.46 -2.79
O2 EDO M . 28.60 5.22 -2.18
C1 EDO N . 36.91 -4.28 -20.07
O1 EDO N . 37.68 -4.90 -19.03
C2 EDO N . 35.57 -3.82 -19.49
O2 EDO N . 35.08 -4.80 -18.58
C1 EDO O . 25.19 11.44 -6.03
O1 EDO O . 26.14 10.38 -6.06
C2 EDO O . 25.67 12.53 -5.07
O2 EDO O . 27.01 12.88 -5.39
CAC DXK P . -9.88 25.05 22.96
CAE DXK P . -9.04 24.35 23.82
CAF DXK P . -9.54 23.28 24.54
NAD DXK P . -10.88 22.90 24.43
CAB DXK P . -11.73 23.62 23.56
CAA DXK P . -11.20 24.68 22.83
C2 DXK P . -12.04 25.42 21.99
N1 DXK P . -11.56 26.54 21.42
N3 DXK P . -13.30 25.03 21.74
C4 DXK P . -14.10 25.77 20.93
NAM DXK P . -15.36 25.61 20.54
CAQ DXK P . -16.16 24.44 20.98
NAN DXK P . -15.71 26.57 19.78
CAO DXK P . -14.65 27.38 19.64
C5 DXK P . -13.64 26.90 20.39
C6 DXK P . -12.37 27.28 20.64
NAP DXK P . -11.91 28.40 20.07
C1 EDO Q . -21.28 22.80 4.00
O1 EDO Q . -19.96 23.29 3.70
C2 EDO Q . -22.10 23.91 4.64
O2 EDO Q . -23.50 23.64 4.42
C1 EDO R . 8.88 19.45 23.49
O1 EDO R . 8.50 18.64 24.61
C2 EDO R . 9.96 18.74 22.68
O2 EDO R . 9.48 17.47 22.21
C1 EDO S . -8.85 46.03 36.01
O1 EDO S . -8.73 44.89 36.87
C2 EDO S . -9.77 47.06 36.64
O2 EDO S . -9.04 47.92 37.53
C1 EDO T . -10.78 50.37 36.38
O1 EDO T . -11.41 49.53 37.35
C2 EDO T . -11.45 50.17 35.03
O2 EDO T . -12.82 50.56 35.13
CAC DXK U . -10.38 -12.55 6.20
CAE DXK U . -11.25 -11.92 5.31
CAF DXK U . -10.76 -11.36 4.14
NAD DXK U . -9.39 -11.43 3.84
CAB DXK U . -8.52 -12.06 4.73
CAA DXK U . -9.02 -12.62 5.90
C2 DXK U . -8.14 -13.25 6.78
N1 DXK U . -8.59 -13.79 7.92
N3 DXK U . -6.84 -13.31 6.46
C4 DXK U . -5.97 -13.89 7.29
NAM DXK U . -4.65 -14.08 7.23
CAQ DXK U . -3.78 -13.64 6.12
NAN DXK U . -4.28 -14.67 8.21
CAO DXK U . -5.32 -14.94 9.01
C5 DXK U . -6.40 -14.43 8.42
C6 DXK U . -7.71 -14.38 8.74
NAP DXK U . -8.09 -14.94 9.90
C1 EDO V . -16.55 -44.49 -0.83
O1 EDO V . -17.66 -43.86 -1.46
C2 EDO V . -16.93 -44.91 0.59
O2 EDO V . -15.76 -45.37 1.29
C1 EDO W . 1.77 -26.70 -14.38
O1 EDO W . 1.04 -27.86 -13.98
C2 EDO W . 2.89 -27.09 -15.34
O2 EDO W . 3.94 -26.12 -15.28
#